data_6DDU
#
_entry.id   6DDU
#
_cell.length_a   81.162
_cell.length_b   65.651
_cell.length_c   104.531
_cell.angle_alpha   90.00
_cell.angle_beta   92.73
_cell.angle_gamma   90.00
#
_symmetry.space_group_name_H-M   'P 1 21 1'
#
loop_
_entity.id
_entity.type
_entity.pdbx_description
1 polymer Beta-mannosidase
2 branched alpha-L-fucopyranose-(1-6)-2-acetamido-2-deoxy-beta-D-glucopyranose
3 branched 2-acetamido-2-deoxy-beta-D-glucopyranose-(1-4)-2-acetamido-2-deoxy-beta-D-glucopyranose
4 non-polymer 'CALCIUM ION'
5 non-polymer 2-acetamido-2-deoxy-beta-D-glucopyranose
6 non-polymer beta-D-mannopyranose
7 non-polymer 1,2-ETHANEDIOL
8 water water
#
_entity_poly.entity_id   1
_entity_poly.type   'polypeptide(L)'
_entity_poly.pdbx_seq_one_letter_code
;DRHHHHHHKLSYSLSGSWRVSNGNGSLELPATVPGYVHSALHQHGLIQDPYYRFNDLNYRWISLDNWTYSTEFKIPFNLS
EWQKVKLIFDGVDTVAEILFNNVTIGKTDNMFTGYSFDITNVVKDVNSLKLQFRSAVQYAECQSKAHTSYRVPPECPPVE
QKGECHVNFIRKAQCSFSWDWGPSFPSQGIWKDVRIEAYNIAHLDYLTFLPVYDNASQAWNIEIKASFDVASSKSVGGQV
TVAIPQLKTQQTNDIELQQEQRIVKLLVKIRKDVAVETWWPRGHGNQTGYNMTILFALDGGLKIEKAAKVYFRTVQLIEE
GIKGSPGLSFYFKINGLPIFLKGSNWIPADSFQDKVTSDRLQLLFQSVVDANMNTLRVWGGGIYEQDEFYALCDELGIMV
WQDFMFASALYPTEPGFLASVRKEVTYQVRRLKSHPSIIIWSGNNENEVALSVNWFHVNPRDMKTYIDDYVTLYVKNIRK
IVLSEDKSRPFIASSPTNGMKTMEEGWISYDPYSIQYGDIHFYNYADDCWNWKIFPKARLVSEYGYQSWPSFSTLEKVSS
QEDWAYNSRFSLHRQHHEDGNHQMLHQVKMHFKLPQGTDPLRTFKDTIYLTQVMQAQCIKTETEFYLRSRSEIVDGKGHT
MGALYWQLNDIWQAPSWASLEYGGKWKMLHYFARRFFAPLLPVGFEDEGVFYVYGVSDLHKDHHTQLTVRLHHWSSPKPL
CSLVNSSIVVKAGEAVVLFQMPVSELLKRCRGCTRETCVVSFYFSTDKELFSPTNYHFLSSLKDAKGLLEANITVNISQK
GNVFVFDLETSAVAPFVWLDVGSIPGRFSDNGFLMIRKKLSVLFYPWKPTSKSELQQAFSVTSLTDTY
;
_entity_poly.pdbx_strand_id   A
#
loop_
_chem_comp.id
_chem_comp.type
_chem_comp.name
_chem_comp.formula
BMA D-saccharide, beta linking beta-D-mannopyranose 'C6 H12 O6'
CA non-polymer 'CALCIUM ION' 'Ca 2'
EDO non-polymer 1,2-ETHANEDIOL 'C2 H6 O2'
FUC L-saccharide, alpha linking alpha-L-fucopyranose 'C6 H12 O5'
NAG D-saccharide, beta linking 2-acetamido-2-deoxy-beta-D-glucopyranose 'C8 H15 N O6'
#
# COMPACT_ATOMS: atom_id res chain seq x y z
N HIS A 7 1.61 -31.85 -25.33
CA HIS A 7 2.70 -32.22 -26.24
C HIS A 7 2.92 -31.14 -27.29
N HIS A 8 1.82 -30.61 -27.82
CA HIS A 8 1.87 -29.60 -28.88
C HIS A 8 1.98 -28.18 -28.32
N LYS A 9 2.84 -27.98 -27.32
CA LYS A 9 3.03 -26.66 -26.73
C LYS A 9 4.47 -26.54 -26.26
N LEU A 10 5.02 -25.33 -26.38
CA LEU A 10 6.43 -25.10 -26.07
C LEU A 10 6.58 -23.67 -25.59
N SER A 11 7.01 -23.49 -24.34
CA SER A 11 7.15 -22.17 -23.73
C SER A 11 8.45 -22.11 -22.96
N TYR A 12 9.34 -21.20 -23.35
CA TYR A 12 10.58 -20.96 -22.63
C TYR A 12 10.82 -19.46 -22.56
N SER A 13 11.53 -19.04 -21.52
CA SER A 13 11.67 -17.63 -21.18
C SER A 13 12.84 -16.99 -21.92
N LEU A 14 12.68 -15.70 -22.21
CA LEU A 14 13.77 -14.88 -22.74
C LEU A 14 14.35 -13.94 -21.69
N SER A 15 13.91 -14.06 -20.44
CA SER A 15 14.52 -13.28 -19.36
C SER A 15 15.97 -13.68 -19.20
N GLY A 16 16.84 -12.68 -19.05
CA GLY A 16 18.26 -12.94 -18.94
C GLY A 16 19.05 -11.69 -19.29
N SER A 17 20.24 -11.90 -19.83
CA SER A 17 21.17 -10.81 -20.12
C SER A 17 20.94 -10.29 -21.54
N TRP A 18 20.55 -9.03 -21.64
CA TRP A 18 20.39 -8.35 -22.91
C TRP A 18 21.48 -7.29 -23.08
N ARG A 19 21.36 -6.50 -24.14
CA ARG A 19 22.24 -5.37 -24.39
C ARG A 19 21.39 -4.11 -24.51
N VAL A 20 21.77 -3.06 -23.80
CA VAL A 20 21.08 -1.78 -23.84
C VAL A 20 22.01 -0.73 -24.41
N SER A 21 21.48 0.11 -25.30
CA SER A 21 22.23 1.19 -25.91
C SER A 21 21.44 2.49 -25.80
N ASN A 22 22.14 3.60 -25.94
CA ASN A 22 21.53 4.92 -25.86
C ASN A 22 21.13 5.37 -27.26
N GLY A 23 20.70 6.64 -27.38
CA GLY A 23 20.18 7.11 -28.65
C GLY A 23 21.22 7.11 -29.75
N ASN A 24 22.37 7.74 -29.48
CA ASN A 24 23.44 7.84 -30.47
C ASN A 24 24.50 6.75 -30.30
N GLY A 25 24.13 5.64 -29.66
CA GLY A 25 25.00 4.48 -29.59
C GLY A 25 26.29 4.67 -28.81
N SER A 26 26.54 5.88 -28.31
CA SER A 26 27.78 6.12 -27.56
C SER A 26 27.92 5.16 -26.39
N LEU A 27 26.80 4.80 -25.75
CA LEU A 27 26.80 3.89 -24.62
C LEU A 27 26.19 2.56 -25.05
N GLU A 28 26.84 1.47 -24.67
CA GLU A 28 26.31 0.13 -24.90
C GLU A 28 26.89 -0.76 -23.81
N LEU A 29 26.02 -1.39 -23.03
CA LEU A 29 26.44 -2.14 -21.85
C LEU A 29 25.54 -3.35 -21.69
N PRO A 30 25.94 -4.32 -20.87
CA PRO A 30 25.02 -5.41 -20.54
C PRO A 30 23.84 -4.91 -19.73
N ALA A 31 22.68 -5.53 -19.96
CA ALA A 31 21.46 -5.16 -19.24
C ALA A 31 20.64 -6.40 -19.00
N THR A 32 20.17 -6.55 -17.76
CA THR A 32 19.38 -7.71 -17.37
C THR A 32 17.91 -7.44 -17.62
N VAL A 33 17.19 -8.49 -18.03
CA VAL A 33 15.75 -8.42 -18.21
C VAL A 33 15.11 -9.49 -17.33
N PRO A 34 14.17 -9.10 -16.46
CA PRO A 34 13.63 -7.75 -16.23
C PRO A 34 14.65 -6.76 -15.69
N GLY A 35 14.59 -5.53 -16.18
CA GLY A 35 15.51 -4.50 -15.72
C GLY A 35 15.21 -3.18 -16.41
N TYR A 36 15.63 -2.12 -15.75
CA TYR A 36 15.53 -0.76 -16.27
C TYR A 36 16.92 -0.26 -16.67
N VAL A 37 16.93 0.86 -17.39
CA VAL A 37 18.20 1.43 -17.84
C VAL A 37 19.01 1.90 -16.64
N HIS A 38 18.41 2.71 -15.77
CA HIS A 38 19.12 3.21 -14.60
C HIS A 38 19.81 2.08 -13.85
N SER A 39 19.07 1.00 -13.57
CA SER A 39 19.64 -0.11 -12.81
C SER A 39 20.74 -0.81 -13.60
N ALA A 40 20.62 -0.87 -14.93
CA ALA A 40 21.69 -1.43 -15.74
C ALA A 40 22.91 -0.53 -15.73
N LEU A 41 22.71 0.79 -15.77
CA LEU A 41 23.83 1.72 -15.69
C LEU A 41 24.46 1.71 -14.31
N HIS A 42 23.63 1.65 -13.25
CA HIS A 42 24.18 1.60 -11.90
C HIS A 42 24.92 0.28 -11.67
N GLN A 43 24.31 -0.84 -12.05
CA GLN A 43 24.93 -2.14 -11.84
C GLN A 43 26.26 -2.23 -12.56
N HIS A 44 26.32 -1.75 -13.80
CA HIS A 44 27.56 -1.75 -14.58
C HIS A 44 28.53 -0.65 -14.15
N GLY A 45 28.19 0.08 -13.07
CA GLY A 45 29.10 1.07 -12.54
C GLY A 45 29.30 2.31 -13.39
N LEU A 46 28.41 2.56 -14.36
CA LEU A 46 28.54 3.74 -15.20
C LEU A 46 27.93 4.99 -14.57
N ILE A 47 27.23 4.86 -13.45
CA ILE A 47 26.66 6.01 -12.76
C ILE A 47 26.62 5.71 -11.27
N GLN A 48 26.64 6.77 -10.46
CA GLN A 48 26.43 6.63 -9.03
C GLN A 48 25.05 6.09 -8.76
N ASP A 49 24.76 5.80 -7.50
CA ASP A 49 23.40 5.45 -7.10
C ASP A 49 22.47 6.62 -7.39
N PRO A 50 21.42 6.44 -8.21
CA PRO A 50 20.58 7.60 -8.56
C PRO A 50 19.99 8.28 -7.34
N TYR A 51 19.79 7.54 -6.24
CA TYR A 51 19.23 8.11 -5.02
C TYR A 51 20.24 8.94 -4.23
N TYR A 52 21.46 9.11 -4.73
CA TYR A 52 22.49 9.82 -3.97
C TYR A 52 22.32 11.32 -4.13
N ARG A 53 22.05 12.00 -3.02
CA ARG A 53 21.97 13.46 -2.96
C ARG A 53 21.15 14.04 -4.11
N PHE A 54 21.79 14.81 -5.00
CA PHE A 54 21.10 15.54 -6.05
C PHE A 54 21.16 14.83 -7.40
N ASN A 55 21.32 13.50 -7.40
CA ASN A 55 21.43 12.78 -8.66
C ASN A 55 20.11 12.69 -9.42
N ASP A 56 18.98 12.98 -8.76
CA ASP A 56 17.73 13.04 -9.51
C ASP A 56 17.70 14.21 -10.48
N LEU A 57 18.53 15.23 -10.26
CA LEU A 57 18.68 16.33 -11.20
C LEU A 57 19.83 16.08 -12.17
N ASN A 58 20.92 15.47 -11.70
CA ASN A 58 22.08 15.26 -12.56
C ASN A 58 21.82 14.20 -13.62
N TYR A 59 21.16 13.11 -13.24
CA TYR A 59 20.91 11.99 -14.14
C TYR A 59 19.63 12.17 -14.96
N ARG A 60 19.18 13.42 -15.17
CA ARG A 60 17.99 13.64 -15.97
C ARG A 60 18.20 13.24 -17.42
N TRP A 61 19.46 13.28 -17.90
CA TRP A 61 19.73 12.91 -19.28
C TRP A 61 19.32 11.47 -19.58
N ILE A 62 19.39 10.59 -18.56
CA ILE A 62 18.99 9.21 -18.77
C ILE A 62 17.51 9.13 -19.17
N SER A 63 16.66 9.88 -18.47
CA SER A 63 15.22 9.82 -18.71
C SER A 63 14.81 10.48 -20.02
N LEU A 64 15.63 11.37 -20.57
CA LEU A 64 15.27 12.09 -21.78
C LEU A 64 15.78 11.42 -23.04
N ASP A 65 16.79 10.56 -22.94
CA ASP A 65 17.31 9.89 -24.11
C ASP A 65 16.42 8.71 -24.49
N ASN A 66 16.59 8.24 -25.73
CA ASN A 66 15.84 7.10 -26.24
C ASN A 66 16.77 5.88 -26.23
N TRP A 67 16.42 4.88 -25.43
CA TRP A 67 17.25 3.70 -25.27
C TRP A 67 16.68 2.53 -26.05
N THR A 68 17.52 1.51 -26.24
CA THR A 68 17.15 0.33 -27.00
C THR A 68 17.65 -0.91 -26.27
N TYR A 69 16.75 -1.87 -26.07
CA TYR A 69 17.10 -3.20 -25.58
C TYR A 69 17.22 -4.14 -26.76
N SER A 70 18.32 -4.89 -26.82
CA SER A 70 18.56 -5.80 -27.93
C SER A 70 19.14 -7.11 -27.40
N THR A 71 18.96 -8.16 -28.19
CA THR A 71 19.47 -9.49 -27.86
C THR A 71 19.39 -10.37 -29.10
N GLU A 72 20.36 -11.26 -29.23
CA GLU A 72 20.39 -12.25 -30.30
C GLU A 72 20.33 -13.63 -29.67
N PHE A 73 19.39 -14.46 -30.12
CA PHE A 73 19.18 -15.77 -29.53
C PHE A 73 18.94 -16.81 -30.60
N LYS A 74 19.28 -18.06 -30.27
CA LYS A 74 18.94 -19.23 -31.06
C LYS A 74 17.79 -19.96 -30.39
N ILE A 75 16.82 -20.39 -31.19
CA ILE A 75 15.62 -21.03 -30.65
C ILE A 75 15.91 -22.49 -30.35
N PRO A 76 15.38 -23.05 -29.26
CA PRO A 76 15.68 -24.45 -28.92
C PRO A 76 14.67 -25.43 -29.51
N PHE A 77 14.10 -25.10 -30.66
CA PHE A 77 13.12 -25.97 -31.29
C PHE A 77 13.20 -25.80 -32.80
N ASN A 78 12.80 -26.84 -33.53
CA ASN A 78 12.84 -26.81 -34.98
C ASN A 78 11.61 -26.11 -35.53
N LEU A 79 11.82 -25.28 -36.56
CA LEU A 79 10.75 -24.44 -37.07
C LEU A 79 9.65 -25.27 -37.73
N SER A 80 10.03 -26.31 -38.47
CA SER A 80 9.07 -27.07 -39.24
C SER A 80 8.13 -27.92 -38.39
N GLU A 81 8.29 -27.93 -37.07
CA GLU A 81 7.47 -28.76 -36.20
C GLU A 81 6.37 -27.96 -35.50
N TRP A 82 6.21 -26.68 -35.81
CA TRP A 82 5.26 -25.83 -35.09
C TRP A 82 4.52 -24.93 -36.06
N GLN A 83 3.20 -24.89 -35.91
CA GLN A 83 2.38 -24.06 -36.79
C GLN A 83 2.53 -22.58 -36.47
N LYS A 84 2.38 -22.22 -35.20
CA LYS A 84 2.41 -20.83 -34.78
C LYS A 84 3.47 -20.61 -33.71
N VAL A 85 4.06 -19.41 -33.74
CA VAL A 85 5.02 -18.97 -32.75
C VAL A 85 4.65 -17.54 -32.34
N LYS A 86 4.64 -17.29 -31.03
CA LYS A 86 4.26 -15.98 -30.52
C LYS A 86 5.31 -15.48 -29.53
N LEU A 87 5.40 -14.15 -29.45
CA LEU A 87 6.30 -13.46 -28.53
C LEU A 87 5.44 -12.69 -27.54
N ILE A 88 5.62 -12.98 -26.25
CA ILE A 88 4.75 -12.47 -25.20
C ILE A 88 5.55 -11.58 -24.26
N PHE A 89 4.97 -10.44 -23.91
CA PHE A 89 5.53 -9.52 -22.93
C PHE A 89 4.53 -9.37 -21.79
N ASP A 90 4.96 -9.67 -20.57
CA ASP A 90 4.11 -9.50 -19.40
C ASP A 90 4.07 -8.05 -18.92
N GLY A 91 4.96 -7.19 -19.41
CA GLY A 91 5.00 -5.80 -19.02
C GLY A 91 6.18 -5.04 -19.62
N VAL A 92 5.88 -3.97 -20.34
CA VAL A 92 6.88 -3.13 -20.99
C VAL A 92 6.66 -1.70 -20.53
N ASP A 93 7.72 -1.07 -20.04
CA ASP A 93 7.64 0.30 -19.51
C ASP A 93 8.47 1.26 -20.37
N THR A 94 7.86 1.98 -21.32
CA THR A 94 6.43 1.98 -21.61
C THR A 94 6.20 2.02 -23.11
N VAL A 95 6.73 3.05 -23.76
CA VAL A 95 6.55 3.29 -25.19
C VAL A 95 7.76 2.70 -25.90
N ALA A 96 7.51 1.78 -26.83
CA ALA A 96 8.60 1.08 -27.51
C ALA A 96 8.12 0.51 -28.82
N GLU A 97 9.00 0.53 -29.82
CA GLU A 97 8.79 -0.17 -31.07
C GLU A 97 9.56 -1.48 -31.02
N ILE A 98 8.90 -2.58 -31.35
CA ILE A 98 9.46 -3.92 -31.20
C ILE A 98 9.92 -4.40 -32.56
N LEU A 99 11.23 -4.48 -32.75
CA LEU A 99 11.83 -4.92 -34.00
C LEU A 99 12.27 -6.37 -33.87
N PHE A 100 11.68 -7.24 -34.68
CA PHE A 100 12.06 -8.65 -34.74
C PHE A 100 12.66 -8.92 -36.12
N ASN A 101 13.97 -9.14 -36.16
CA ASN A 101 14.70 -9.38 -37.42
C ASN A 101 14.46 -8.23 -38.39
N ASN A 102 14.81 -7.02 -37.94
CA ASN A 102 14.61 -5.80 -38.71
C ASN A 102 13.22 -5.74 -39.34
N VAL A 103 12.23 -6.20 -38.59
CA VAL A 103 10.83 -6.13 -38.99
C VAL A 103 10.03 -5.64 -37.80
N THR A 104 9.32 -4.53 -37.98
CA THR A 104 8.47 -3.98 -36.92
C THR A 104 7.25 -4.88 -36.76
N ILE A 105 7.18 -5.60 -35.64
CA ILE A 105 6.05 -6.48 -35.37
C ILE A 105 5.01 -5.84 -34.47
N GLY A 106 5.31 -4.71 -33.85
CA GLY A 106 4.32 -4.04 -33.01
C GLY A 106 4.87 -2.92 -32.15
N LYS A 107 3.98 -2.09 -31.63
CA LYS A 107 4.33 -0.98 -30.77
C LYS A 107 3.62 -1.14 -29.43
N THR A 108 4.15 -0.47 -28.41
CA THR A 108 3.57 -0.49 -27.07
C THR A 108 3.45 0.94 -26.55
N ASP A 109 2.52 1.13 -25.61
CA ASP A 109 2.36 2.45 -25.01
C ASP A 109 1.71 2.40 -23.63
N ASN A 110 1.63 1.23 -22.99
CA ASN A 110 0.94 1.10 -21.72
C ASN A 110 1.73 0.15 -20.85
N MET A 111 2.27 0.66 -19.74
CA MET A 111 3.08 -0.12 -18.83
C MET A 111 2.31 -1.27 -18.19
N PHE A 112 0.98 -1.17 -18.10
CA PHE A 112 0.20 -2.03 -17.23
C PHE A 112 -0.59 -3.09 -17.99
N THR A 113 -0.19 -3.42 -19.22
CA THR A 113 -0.83 -4.46 -19.98
C THR A 113 0.21 -5.31 -20.70
N GLY A 114 -0.06 -6.62 -20.79
CA GLY A 114 0.80 -7.49 -21.56
C GLY A 114 0.45 -7.48 -23.03
N TYR A 115 1.43 -7.83 -23.85
CA TYR A 115 1.29 -7.84 -25.29
C TYR A 115 1.66 -9.21 -25.84
N SER A 116 1.00 -9.60 -26.93
CA SER A 116 1.29 -10.84 -27.64
C SER A 116 1.47 -10.53 -29.12
N PHE A 117 2.50 -11.10 -29.73
CA PHE A 117 2.83 -10.80 -31.11
C PHE A 117 3.09 -12.08 -31.89
N ASP A 118 2.46 -12.19 -33.05
CA ASP A 118 2.59 -13.37 -33.90
C ASP A 118 3.84 -13.23 -34.75
N ILE A 119 4.87 -14.01 -34.45
CA ILE A 119 6.14 -13.96 -35.15
C ILE A 119 6.38 -15.23 -35.97
N THR A 120 5.31 -15.95 -36.32
CA THR A 120 5.48 -17.20 -37.06
C THR A 120 6.15 -16.95 -38.41
N ASN A 121 5.76 -15.89 -39.11
CA ASN A 121 6.30 -15.60 -40.43
C ASN A 121 7.65 -14.89 -40.38
N VAL A 122 8.07 -14.41 -39.21
CA VAL A 122 9.29 -13.64 -39.10
C VAL A 122 10.41 -14.43 -38.42
N VAL A 123 10.08 -15.40 -37.58
CA VAL A 123 11.10 -16.09 -36.79
C VAL A 123 12.01 -16.89 -37.72
N LYS A 124 13.29 -16.91 -37.39
CA LYS A 124 14.30 -17.69 -38.09
C LYS A 124 15.01 -18.60 -37.09
N ASP A 125 16.01 -19.34 -37.59
CA ASP A 125 16.79 -20.20 -36.72
C ASP A 125 17.52 -19.38 -35.65
N VAL A 126 18.06 -18.23 -36.05
CA VAL A 126 18.68 -17.29 -35.12
C VAL A 126 18.06 -15.92 -35.37
N ASN A 127 17.64 -15.25 -34.30
CA ASN A 127 16.86 -14.03 -34.40
C ASN A 127 17.51 -12.93 -33.56
N SER A 128 17.06 -11.70 -33.81
CA SER A 128 17.52 -10.53 -33.06
C SER A 128 16.29 -9.71 -32.67
N LEU A 129 16.06 -9.57 -31.38
CA LEU A 129 14.91 -8.87 -30.84
C LEU A 129 15.36 -7.54 -30.25
N LYS A 130 14.87 -6.44 -30.83
CA LYS A 130 15.15 -5.10 -30.33
C LYS A 130 13.87 -4.47 -29.81
N LEU A 131 13.98 -3.70 -28.75
CA LEU A 131 12.90 -2.84 -28.26
C LEU A 131 13.42 -1.40 -28.26
N GLN A 132 12.93 -0.60 -29.19
CA GLN A 132 13.37 0.79 -29.32
C GLN A 132 12.44 1.67 -28.49
N PHE A 133 12.83 1.90 -27.24
CA PHE A 133 12.04 2.73 -26.35
C PHE A 133 12.15 4.20 -26.75
N ARG A 134 11.17 4.97 -26.30
CA ARG A 134 11.15 6.42 -26.48
C ARG A 134 11.02 7.08 -25.12
N SER A 135 11.70 8.22 -24.94
CA SER A 135 11.70 8.91 -23.66
C SER A 135 10.28 9.14 -23.17
N ALA A 136 9.94 8.52 -22.03
CA ALA A 136 8.62 8.69 -21.45
C ALA A 136 8.29 10.16 -21.26
N VAL A 137 9.29 10.97 -20.89
CA VAL A 137 9.07 12.39 -20.69
C VAL A 137 8.74 13.07 -22.01
N GLN A 138 9.64 12.95 -22.99
CA GLN A 138 9.42 13.60 -24.28
C GLN A 138 8.15 13.09 -24.94
N TYR A 139 7.82 11.80 -24.76
CA TYR A 139 6.59 11.27 -25.31
C TYR A 139 5.37 11.96 -24.68
N ALA A 140 5.32 11.96 -23.34
CA ALA A 140 4.18 12.56 -22.65
C ALA A 140 3.97 14.01 -23.05
N GLU A 141 5.04 14.69 -23.47
CA GLU A 141 4.91 16.09 -23.89
C GLU A 141 4.31 16.19 -25.29
N CYS A 142 4.75 15.33 -26.22
CA CYS A 142 4.19 15.35 -27.57
C CYS A 142 2.72 14.97 -27.55
N GLN A 143 2.35 13.99 -26.71
CA GLN A 143 0.93 13.66 -26.56
C GLN A 143 0.16 14.85 -26.03
N SER A 144 0.76 15.63 -25.13
CA SER A 144 0.11 16.84 -24.62
C SER A 144 -0.05 17.88 -25.72
N LYS A 145 1.00 18.10 -26.52
CA LYS A 145 0.90 19.07 -27.60
C LYS A 145 -0.10 18.63 -28.66
N ALA A 146 -0.26 17.32 -28.87
CA ALA A 146 -1.22 16.83 -29.85
C ALA A 146 -2.65 17.01 -29.40
N HIS A 147 -2.88 17.18 -28.09
CA HIS A 147 -4.23 17.37 -27.55
C HIS A 147 -4.54 18.85 -27.56
N THR A 148 -4.92 19.35 -28.73
CA THR A 148 -5.16 20.78 -28.92
C THR A 148 -6.60 21.20 -28.67
N SER A 149 -7.55 20.26 -28.71
CA SER A 149 -8.95 20.61 -28.45
C SER A 149 -9.08 21.37 -27.14
N TYR A 150 -8.28 21.00 -26.14
CA TYR A 150 -8.26 21.69 -24.86
C TYR A 150 -7.14 21.07 -24.03
N ARG A 151 -6.87 21.70 -22.89
CA ARG A 151 -5.81 21.24 -22.01
C ARG A 151 -6.36 20.32 -20.94
N VAL A 152 -5.50 19.43 -20.45
CA VAL A 152 -5.87 18.47 -19.42
C VAL A 152 -4.94 18.71 -18.22
N PRO A 153 -5.45 19.34 -17.15
CA PRO A 153 -4.56 19.59 -16.00
C PRO A 153 -4.35 18.36 -15.11
N PRO A 154 -3.32 18.39 -14.26
CA PRO A 154 -2.34 19.49 -14.17
C PRO A 154 -1.26 19.33 -15.24
N GLU A 155 -0.77 20.44 -15.80
CA GLU A 155 0.24 20.33 -16.84
C GLU A 155 1.61 20.01 -16.25
N CYS A 156 2.06 20.79 -15.28
CA CYS A 156 3.34 20.52 -14.62
C CYS A 156 3.14 20.39 -13.12
N PRO A 157 4.02 19.66 -12.43
CA PRO A 157 3.86 19.45 -10.99
C PRO A 157 4.43 20.61 -10.20
N PRO A 158 4.16 20.66 -8.89
CA PRO A 158 4.73 21.72 -8.07
C PRO A 158 6.25 21.77 -8.17
N VAL A 159 6.80 22.96 -7.99
CA VAL A 159 8.24 23.15 -8.16
C VAL A 159 9.01 22.36 -7.11
N GLU A 160 8.47 22.27 -5.90
CA GLU A 160 9.17 21.58 -4.81
C GLU A 160 9.26 20.07 -5.03
N GLN A 161 8.67 19.54 -6.09
CA GLN A 161 8.78 18.11 -6.40
C GLN A 161 9.92 17.78 -7.35
N LYS A 162 10.47 18.79 -8.04
CA LYS A 162 11.55 18.59 -9.00
C LYS A 162 11.24 17.43 -9.94
N GLY A 163 10.10 17.56 -10.64
CA GLY A 163 9.61 16.49 -11.48
C GLY A 163 9.42 16.87 -12.94
N GLU A 164 8.73 16.02 -13.68
CA GLU A 164 8.45 16.22 -15.09
C GLU A 164 6.95 16.48 -15.29
N CYS A 165 6.63 17.02 -16.45
CA CYS A 165 5.27 17.44 -16.75
C CYS A 165 4.52 16.40 -17.57
N HIS A 166 3.19 16.42 -17.44
CA HIS A 166 2.28 15.69 -18.32
C HIS A 166 2.27 14.17 -18.08
N VAL A 167 2.46 13.74 -16.83
CA VAL A 167 2.44 12.31 -16.56
C VAL A 167 1.08 11.69 -16.88
N ASN A 168 0.02 12.49 -16.91
CA ASN A 168 -1.32 11.97 -17.16
C ASN A 168 -1.57 11.63 -18.62
N PHE A 169 -0.62 11.92 -19.51
CA PHE A 169 -0.76 11.61 -20.93
C PHE A 169 -0.06 10.31 -21.33
N ILE A 170 0.50 9.58 -20.37
CA ILE A 170 1.14 8.29 -20.63
C ILE A 170 0.63 7.29 -19.60
N ARG A 171 0.23 6.11 -20.06
CA ARG A 171 -0.22 5.05 -19.17
C ARG A 171 1.00 4.40 -18.52
N LYS A 172 1.57 5.13 -17.57
CA LYS A 172 2.75 4.73 -16.83
C LYS A 172 2.52 5.10 -15.37
N ALA A 173 3.26 4.44 -14.48
CA ALA A 173 3.16 4.75 -13.06
C ALA A 173 3.11 6.26 -12.85
N GLN A 174 2.01 6.74 -12.27
CA GLN A 174 1.78 8.19 -12.22
C GLN A 174 2.79 8.90 -11.33
N CYS A 175 3.35 8.21 -10.34
CA CYS A 175 4.35 8.82 -9.47
C CYS A 175 5.73 8.84 -10.10
N SER A 176 5.92 8.16 -11.24
CA SER A 176 7.24 8.08 -11.86
C SER A 176 7.78 9.45 -12.27
N PHE A 177 6.91 10.45 -12.44
CA PHE A 177 7.35 11.81 -12.71
C PHE A 177 7.50 12.64 -11.45
N SER A 178 7.68 11.99 -10.30
CA SER A 178 7.82 12.62 -8.99
C SER A 178 6.48 12.72 -8.28
N TRP A 179 6.52 12.90 -6.97
CA TRP A 179 5.34 13.09 -6.15
C TRP A 179 5.77 13.87 -4.91
N ASP A 180 4.84 14.14 -4.01
CA ASP A 180 5.19 14.87 -2.79
C ASP A 180 5.93 14.00 -1.78
N TRP A 181 6.33 12.78 -2.15
CA TRP A 181 7.25 11.98 -1.36
C TRP A 181 8.22 11.17 -2.20
N GLY A 182 8.17 11.27 -3.53
CA GLY A 182 9.00 10.46 -4.39
C GLY A 182 9.67 11.26 -5.49
N PRO A 183 10.72 10.70 -6.08
CA PRO A 183 11.53 11.44 -7.05
C PRO A 183 11.08 11.21 -8.49
N SER A 184 11.70 11.96 -9.39
CA SER A 184 11.44 11.86 -10.83
C SER A 184 12.51 10.98 -11.45
N PHE A 185 12.19 9.71 -11.64
CA PHE A 185 13.05 8.78 -12.39
C PHE A 185 12.20 8.05 -13.41
N PRO A 186 11.68 8.76 -14.43
CA PRO A 186 10.95 8.07 -15.50
C PRO A 186 11.88 7.19 -16.32
N SER A 187 12.01 5.94 -15.92
CA SER A 187 12.97 5.05 -16.54
C SER A 187 12.34 4.33 -17.72
N GLN A 188 13.15 3.51 -18.38
CA GLN A 188 12.71 2.70 -19.50
C GLN A 188 13.24 1.28 -19.30
N GLY A 189 12.50 0.31 -19.79
CA GLY A 189 12.97 -1.06 -19.72
C GLY A 189 11.84 -2.07 -19.78
N ILE A 190 12.23 -3.33 -19.68
CA ILE A 190 11.32 -4.46 -19.67
C ILE A 190 11.22 -4.91 -18.22
N TRP A 191 10.16 -4.53 -17.54
CA TRP A 191 10.03 -4.78 -16.11
C TRP A 191 9.29 -6.08 -15.80
N LYS A 192 8.99 -6.89 -16.81
CA LYS A 192 8.31 -8.17 -16.61
C LYS A 192 8.93 -9.21 -17.52
N ASP A 193 8.53 -10.47 -17.30
CA ASP A 193 9.08 -11.58 -18.05
C ASP A 193 8.73 -11.47 -19.54
N VAL A 194 9.56 -12.12 -20.35
CA VAL A 194 9.35 -12.21 -21.80
C VAL A 194 9.51 -13.68 -22.19
N ARG A 195 8.60 -14.17 -23.03
CA ARG A 195 8.57 -15.59 -23.36
C ARG A 195 8.36 -15.79 -24.85
N ILE A 196 8.99 -16.82 -25.40
CA ILE A 196 8.68 -17.36 -26.71
C ILE A 196 7.77 -18.55 -26.51
N GLU A 197 6.69 -18.61 -27.28
CA GLU A 197 5.73 -19.71 -27.18
C GLU A 197 5.34 -20.15 -28.57
N ALA A 198 5.64 -21.41 -28.89
CA ALA A 198 5.21 -22.04 -30.12
C ALA A 198 4.21 -23.14 -29.80
N TYR A 199 3.27 -23.36 -30.71
CA TYR A 199 2.20 -24.32 -30.44
C TYR A 199 1.60 -24.81 -31.75
N ASN A 200 0.84 -25.89 -31.63
CA ASN A 200 -0.02 -26.38 -32.70
C ASN A 200 -1.44 -26.46 -32.17
N ILE A 201 -2.39 -26.41 -33.10
CA ILE A 201 -3.82 -26.53 -32.77
C ILE A 201 -4.31 -25.29 -32.04
N ALA A 202 -3.94 -25.15 -30.77
CA ALA A 202 -4.50 -24.10 -29.93
C ALA A 202 -3.44 -23.53 -29.01
N HIS A 203 -3.78 -22.38 -28.40
CA HIS A 203 -2.91 -21.73 -27.44
C HIS A 203 -3.79 -20.94 -26.47
N LEU A 204 -3.56 -21.15 -25.17
CA LEU A 204 -4.35 -20.49 -24.13
C LEU A 204 -3.85 -19.05 -23.98
N ASP A 205 -4.61 -18.10 -24.52
CA ASP A 205 -4.24 -16.70 -24.39
C ASP A 205 -4.35 -16.22 -22.94
N TYR A 206 -5.44 -16.57 -22.28
CA TYR A 206 -5.61 -16.26 -20.85
C TYR A 206 -6.64 -17.21 -20.26
N LEU A 207 -6.59 -17.34 -18.94
CA LEU A 207 -7.58 -18.12 -18.20
C LEU A 207 -7.85 -17.40 -16.88
N THR A 208 -9.12 -17.35 -16.51
CA THR A 208 -9.53 -16.64 -15.30
C THR A 208 -10.71 -17.36 -14.66
N PHE A 209 -10.79 -17.26 -13.34
CA PHE A 209 -11.89 -17.85 -12.59
C PHE A 209 -12.34 -16.89 -11.51
N LEU A 210 -13.55 -17.11 -11.00
CA LEU A 210 -14.17 -16.20 -10.04
C LEU A 210 -15.08 -17.00 -9.12
N PRO A 211 -14.64 -17.30 -7.90
CA PRO A 211 -15.53 -17.95 -6.93
C PRO A 211 -16.64 -17.00 -6.49
N VAL A 212 -17.86 -17.53 -6.43
CA VAL A 212 -19.04 -16.75 -6.05
C VAL A 212 -19.97 -17.62 -5.21
N TYR A 213 -20.77 -16.95 -4.40
CA TYR A 213 -21.77 -17.60 -3.56
C TYR A 213 -23.15 -17.17 -4.04
N ASP A 214 -24.00 -18.15 -4.35
CA ASP A 214 -25.33 -17.89 -4.87
C ASP A 214 -26.34 -18.08 -3.75
N ASN A 215 -26.87 -16.97 -3.24
CA ASN A 215 -27.90 -17.06 -2.21
C ASN A 215 -29.14 -17.78 -2.74
N ALA A 216 -29.45 -17.62 -4.02
CA ALA A 216 -30.52 -18.38 -4.65
C ALA A 216 -30.24 -19.87 -4.71
N SER A 217 -28.98 -20.27 -4.46
CA SER A 217 -28.61 -21.68 -4.37
C SER A 217 -28.07 -22.08 -3.01
N GLN A 218 -27.60 -21.13 -2.20
CA GLN A 218 -26.99 -21.40 -0.91
C GLN A 218 -25.73 -22.24 -1.01
N ALA A 219 -25.18 -22.40 -2.22
CA ALA A 219 -23.98 -23.16 -2.44
C ALA A 219 -22.99 -22.31 -3.21
N TRP A 220 -21.73 -22.75 -3.21
CA TRP A 220 -20.66 -22.01 -3.88
C TRP A 220 -20.57 -22.41 -5.35
N ASN A 221 -20.04 -21.49 -6.17
CA ASN A 221 -19.87 -21.71 -7.59
C ASN A 221 -18.58 -21.06 -8.05
N ILE A 222 -18.00 -21.62 -9.11
CA ILE A 222 -16.76 -21.12 -9.68
C ILE A 222 -17.02 -20.84 -11.16
N GLU A 223 -17.07 -19.57 -11.53
CA GLU A 223 -17.16 -19.18 -12.93
C GLU A 223 -15.77 -19.15 -13.53
N ILE A 224 -15.62 -19.79 -14.69
CA ILE A 224 -14.33 -19.88 -15.37
C ILE A 224 -14.49 -19.40 -16.80
N LYS A 225 -13.51 -18.64 -17.27
CA LYS A 225 -13.50 -18.14 -18.65
C LYS A 225 -12.10 -18.29 -19.20
N ALA A 226 -11.98 -18.95 -20.36
CA ALA A 226 -10.70 -19.19 -21.01
C ALA A 226 -10.81 -18.83 -22.49
N SER A 227 -9.91 -17.96 -22.96
CA SER A 227 -9.83 -17.62 -24.36
C SER A 227 -8.66 -18.35 -24.99
N PHE A 228 -8.88 -18.88 -26.18
CA PHE A 228 -7.86 -19.62 -26.93
C PHE A 228 -7.59 -18.92 -28.24
N ASP A 229 -6.44 -19.24 -28.83
CA ASP A 229 -6.13 -18.86 -30.20
C ASP A 229 -5.86 -20.13 -30.99
N VAL A 230 -6.66 -20.35 -32.03
CA VAL A 230 -6.63 -21.58 -32.81
C VAL A 230 -5.81 -21.31 -34.08
N ALA A 231 -4.86 -22.20 -34.36
CA ALA A 231 -3.97 -22.00 -35.50
C ALA A 231 -4.71 -22.21 -36.81
N SER A 232 -5.38 -23.35 -36.96
CA SER A 232 -6.06 -23.68 -38.20
C SER A 232 -7.46 -23.09 -38.21
N SER A 233 -8.03 -23.01 -39.42
CA SER A 233 -9.42 -22.60 -39.58
C SER A 233 -10.40 -23.71 -39.25
N LYS A 234 -9.92 -24.94 -39.11
CA LYS A 234 -10.78 -26.07 -38.80
C LYS A 234 -11.20 -26.04 -37.34
N SER A 235 -12.40 -26.55 -37.07
CA SER A 235 -12.89 -26.62 -35.70
C SER A 235 -11.99 -27.53 -34.87
N VAL A 236 -12.07 -27.35 -33.56
CA VAL A 236 -11.28 -28.11 -32.60
C VAL A 236 -12.20 -28.55 -31.48
N GLY A 237 -12.19 -29.85 -31.16
CA GLY A 237 -12.99 -30.40 -30.10
C GLY A 237 -12.15 -30.81 -28.89
N GLY A 238 -12.83 -31.34 -27.91
CA GLY A 238 -12.17 -31.84 -26.71
C GLY A 238 -13.05 -31.63 -25.49
N GLN A 239 -12.48 -32.01 -24.34
CA GLN A 239 -13.15 -31.86 -23.06
C GLN A 239 -12.27 -31.04 -22.12
N VAL A 240 -12.89 -30.55 -21.06
CA VAL A 240 -12.20 -29.87 -19.97
C VAL A 240 -12.69 -30.46 -18.67
N THR A 241 -11.75 -30.69 -17.74
CA THR A 241 -12.09 -31.28 -16.45
C THR A 241 -11.58 -30.37 -15.34
N VAL A 242 -12.46 -30.02 -14.41
CA VAL A 242 -12.13 -29.20 -13.26
C VAL A 242 -12.27 -30.07 -12.02
N ALA A 243 -11.19 -30.22 -11.27
CA ALA A 243 -11.16 -31.10 -10.10
C ALA A 243 -10.65 -30.33 -8.90
N ILE A 244 -11.40 -30.40 -7.79
CA ILE A 244 -10.97 -29.86 -6.51
C ILE A 244 -11.06 -31.00 -5.50
N PRO A 245 -10.05 -31.86 -5.42
CA PRO A 245 -10.19 -33.07 -4.57
C PRO A 245 -10.55 -32.77 -3.13
N GLN A 246 -9.99 -31.72 -2.53
CA GLN A 246 -10.27 -31.42 -1.14
C GLN A 246 -11.77 -31.23 -0.89
N LEU A 247 -12.53 -30.89 -1.92
CA LEU A 247 -13.98 -30.75 -1.80
C LEU A 247 -14.72 -31.86 -2.55
N LYS A 248 -14.03 -32.94 -2.90
CA LYS A 248 -14.64 -34.09 -3.56
C LYS A 248 -15.40 -33.66 -4.81
N THR A 249 -14.92 -32.62 -5.48
CA THR A 249 -15.57 -32.05 -6.65
C THR A 249 -14.82 -32.46 -7.91
N GLN A 250 -15.57 -32.82 -8.94
CA GLN A 250 -14.99 -33.09 -10.25
C GLN A 250 -16.07 -32.89 -11.30
N GLN A 251 -15.71 -32.20 -12.39
CA GLN A 251 -16.66 -31.86 -13.43
C GLN A 251 -15.96 -31.90 -14.78
N THR A 252 -16.63 -32.49 -15.77
CA THR A 252 -16.11 -32.60 -17.12
C THR A 252 -17.18 -32.12 -18.09
N ASN A 253 -16.78 -31.30 -19.06
CA ASN A 253 -17.71 -30.74 -20.02
C ASN A 253 -17.07 -30.72 -21.41
N ASP A 254 -17.88 -31.03 -22.42
CA ASP A 254 -17.42 -30.92 -23.80
C ASP A 254 -17.18 -29.46 -24.17
N ILE A 255 -16.28 -29.24 -25.13
CA ILE A 255 -15.95 -27.90 -25.60
C ILE A 255 -15.56 -27.97 -27.07
N GLU A 256 -15.67 -26.83 -27.74
CA GLU A 256 -15.18 -26.70 -29.10
C GLU A 256 -14.67 -25.28 -29.32
N LEU A 257 -13.64 -25.17 -30.15
CA LEU A 257 -12.99 -23.89 -30.42
C LEU A 257 -12.94 -23.65 -31.92
N GLN A 258 -12.99 -22.38 -32.30
CA GLN A 258 -12.87 -21.99 -33.70
C GLN A 258 -12.33 -20.57 -33.76
N GLN A 259 -11.81 -20.21 -34.93
CA GLN A 259 -11.15 -18.91 -35.08
C GLN A 259 -12.04 -17.76 -34.64
N GLU A 260 -13.36 -17.94 -34.67
CA GLU A 260 -14.30 -16.94 -34.20
C GLU A 260 -14.87 -17.28 -32.82
N GLN A 261 -15.27 -18.53 -32.61
CA GLN A 261 -15.76 -18.98 -31.30
C GLN A 261 -14.56 -19.56 -30.55
N ARG A 262 -13.83 -18.70 -29.86
CA ARG A 262 -12.57 -19.07 -29.23
C ARG A 262 -12.60 -18.89 -27.71
N ILE A 263 -13.79 -18.77 -27.12
CA ILE A 263 -13.94 -18.56 -25.68
C ILE A 263 -14.68 -19.75 -25.10
N VAL A 264 -14.25 -20.18 -23.91
CA VAL A 264 -14.91 -21.22 -23.14
C VAL A 264 -15.39 -20.59 -21.83
N LYS A 265 -16.62 -20.90 -21.45
CA LYS A 265 -17.19 -20.47 -20.18
C LYS A 265 -17.69 -21.70 -19.43
N LEU A 266 -17.22 -21.86 -18.19
CA LEU A 266 -17.64 -22.96 -17.34
C LEU A 266 -18.26 -22.40 -16.06
N LEU A 267 -19.07 -23.24 -15.41
CA LEU A 267 -19.68 -22.90 -14.13
C LEU A 267 -19.72 -24.17 -13.30
N VAL A 268 -18.77 -24.29 -12.38
CA VAL A 268 -18.67 -25.47 -11.51
C VAL A 268 -19.45 -25.19 -10.23
N LYS A 269 -20.42 -26.05 -9.93
CA LYS A 269 -21.14 -26.01 -8.66
C LYS A 269 -20.50 -26.98 -7.69
N ILE A 270 -20.31 -26.53 -6.45
CA ILE A 270 -19.68 -27.35 -5.42
C ILE A 270 -20.79 -28.09 -4.67
N ARG A 271 -20.58 -29.40 -4.48
CA ARG A 271 -21.58 -30.23 -3.82
C ARG A 271 -21.95 -29.64 -2.46
N LYS A 272 -23.27 -29.49 -2.24
CA LYS A 272 -23.74 -28.98 -0.96
C LYS A 272 -23.52 -29.96 0.17
N ASP A 273 -23.31 -31.24 -0.14
CA ASP A 273 -23.08 -32.24 0.89
C ASP A 273 -21.77 -32.00 1.63
N VAL A 274 -20.78 -31.43 0.97
CA VAL A 274 -19.47 -31.19 1.56
C VAL A 274 -19.38 -29.74 2.00
N ALA A 275 -18.80 -29.51 3.17
CA ALA A 275 -18.66 -28.17 3.72
C ALA A 275 -17.44 -27.48 3.12
N VAL A 276 -17.51 -26.15 3.04
CA VAL A 276 -16.48 -25.33 2.41
C VAL A 276 -16.00 -24.32 3.45
N GLU A 277 -14.71 -24.35 3.75
CA GLU A 277 -14.11 -23.42 4.70
C GLU A 277 -13.78 -22.12 3.98
N THR A 278 -14.30 -21.00 4.48
CA THR A 278 -14.15 -19.71 3.83
C THR A 278 -12.85 -19.04 4.23
N TRP A 279 -12.57 -17.90 3.60
CA TRP A 279 -11.33 -17.15 3.78
C TRP A 279 -11.60 -15.88 4.58
N TRP A 280 -10.68 -15.57 5.49
CA TRP A 280 -10.87 -14.46 6.42
C TRP A 280 -9.62 -13.62 6.50
N PRO A 281 -9.76 -12.31 6.75
CA PRO A 281 -8.57 -11.47 6.95
C PRO A 281 -7.82 -11.87 8.21
N ARG A 282 -6.53 -11.50 8.23
CA ARG A 282 -5.72 -11.72 9.41
C ARG A 282 -6.38 -11.13 10.64
N GLY A 283 -6.48 -11.91 11.69
CA GLY A 283 -7.11 -11.48 12.93
C GLY A 283 -8.61 -11.66 12.98
N HIS A 284 -9.20 -12.41 12.05
CA HIS A 284 -10.63 -12.65 12.06
C HIS A 284 -11.01 -14.04 11.58
N GLY A 285 -10.04 -14.91 11.31
CA GLY A 285 -10.34 -16.26 10.87
C GLY A 285 -9.11 -16.88 10.23
N ASN A 286 -9.37 -17.88 9.38
CA ASN A 286 -8.31 -18.57 8.66
C ASN A 286 -8.18 -18.03 7.24
N GLN A 287 -7.11 -18.46 6.57
CA GLN A 287 -6.88 -18.15 5.17
C GLN A 287 -6.87 -19.43 4.34
N THR A 288 -7.71 -20.39 4.72
CA THR A 288 -7.72 -21.69 4.06
C THR A 288 -8.24 -21.56 2.64
N GLY A 289 -7.49 -22.12 1.68
CA GLY A 289 -7.92 -22.19 0.30
C GLY A 289 -8.04 -23.63 -0.15
N TYR A 290 -8.00 -23.87 -1.45
CA TYR A 290 -8.18 -25.21 -1.98
C TYR A 290 -7.40 -25.37 -3.28
N ASN A 291 -6.64 -26.45 -3.38
CA ASN A 291 -5.90 -26.74 -4.61
C ASN A 291 -6.87 -27.17 -5.70
N MET A 292 -6.71 -26.57 -6.89
CA MET A 292 -7.63 -26.78 -8.01
C MET A 292 -6.83 -26.98 -9.29
N THR A 293 -7.31 -27.90 -10.13
CA THR A 293 -6.69 -28.16 -11.43
C THR A 293 -7.74 -28.03 -12.53
N ILE A 294 -7.34 -27.41 -13.64
CA ILE A 294 -8.17 -27.30 -14.83
C ILE A 294 -7.41 -27.97 -15.97
N LEU A 295 -7.93 -29.09 -16.45
CA LEU A 295 -7.28 -29.89 -17.47
C LEU A 295 -8.07 -29.79 -18.78
N PHE A 296 -7.44 -29.21 -19.80
CA PHE A 296 -7.99 -29.20 -21.14
C PHE A 296 -7.43 -30.39 -21.92
N ALA A 297 -8.30 -31.11 -22.62
CA ALA A 297 -7.91 -32.25 -23.43
C ALA A 297 -8.54 -32.09 -24.81
N LEU A 298 -7.72 -31.74 -25.80
CA LEU A 298 -8.20 -31.43 -27.14
C LEU A 298 -7.78 -32.53 -28.12
N ASP A 299 -8.33 -32.45 -29.32
CA ASP A 299 -8.00 -33.41 -30.37
C ASP A 299 -6.52 -33.33 -30.70
N GLY A 300 -5.99 -34.46 -31.17
CA GLY A 300 -4.59 -34.53 -31.52
C GLY A 300 -3.65 -34.67 -30.34
N GLY A 301 -4.17 -34.91 -29.14
CA GLY A 301 -3.32 -35.11 -27.98
C GLY A 301 -2.71 -33.84 -27.42
N LEU A 302 -3.41 -32.71 -27.51
CA LEU A 302 -2.93 -31.45 -26.94
C LEU A 302 -3.62 -31.26 -25.59
N LYS A 303 -2.86 -31.39 -24.52
CA LYS A 303 -3.38 -31.30 -23.16
C LYS A 303 -2.77 -30.07 -22.49
N ILE A 304 -3.61 -29.12 -22.09
CA ILE A 304 -3.19 -27.91 -21.41
C ILE A 304 -3.75 -27.95 -20.00
N GLU A 305 -2.86 -28.01 -19.01
CA GLU A 305 -3.25 -28.03 -17.61
C GLU A 305 -2.79 -26.75 -16.93
N LYS A 306 -3.66 -26.20 -16.09
CA LYS A 306 -3.33 -25.06 -15.25
C LYS A 306 -3.87 -25.31 -13.86
N ALA A 307 -3.12 -24.88 -12.85
CA ALA A 307 -3.51 -25.05 -11.46
C ALA A 307 -3.56 -23.69 -10.77
N ALA A 308 -4.26 -23.65 -9.64
CA ALA A 308 -4.35 -22.44 -8.85
C ALA A 308 -5.12 -22.76 -7.57
N LYS A 309 -4.90 -21.95 -6.55
CA LYS A 309 -5.60 -22.10 -5.28
C LYS A 309 -6.90 -21.31 -5.32
N VAL A 310 -7.97 -21.92 -4.85
CA VAL A 310 -9.30 -21.31 -4.86
C VAL A 310 -9.64 -20.90 -3.43
N TYR A 311 -9.95 -19.62 -3.23
CA TYR A 311 -10.37 -19.10 -1.94
C TYR A 311 -11.83 -18.68 -2.03
N PHE A 312 -12.61 -19.09 -1.03
CA PHE A 312 -14.04 -18.81 -1.00
C PHE A 312 -14.33 -17.76 0.07
N ARG A 313 -15.03 -16.70 -0.31
CA ARG A 313 -15.24 -15.55 0.56
C ARG A 313 -16.24 -14.62 -0.11
N THR A 314 -17.14 -14.05 0.69
CA THR A 314 -18.11 -13.07 0.22
C THR A 314 -17.82 -11.72 0.87
N VAL A 315 -17.79 -10.67 0.06
CA VAL A 315 -17.61 -9.32 0.56
C VAL A 315 -18.85 -8.50 0.21
N GLN A 316 -19.19 -7.57 1.09
CA GLN A 316 -20.32 -6.67 0.87
C GLN A 316 -19.95 -5.29 1.39
N LEU A 317 -20.12 -4.28 0.55
CA LEU A 317 -19.99 -2.88 0.99
C LEU A 317 -21.39 -2.40 1.35
N ILE A 318 -21.68 -2.36 2.64
CA ILE A 318 -23.02 -2.06 3.13
C ILE A 318 -23.13 -0.55 3.36
N GLU A 319 -23.97 0.10 2.57
CA GLU A 319 -24.33 1.50 2.76
C GLU A 319 -25.78 1.57 3.20
N GLU A 320 -26.03 1.16 4.44
CA GLU A 320 -27.37 1.09 5.00
C GLU A 320 -27.65 2.31 5.87
N GLY A 321 -28.85 2.35 6.44
CA GLY A 321 -29.26 3.47 7.27
C GLY A 321 -28.87 3.31 8.72
N ILE A 322 -28.76 4.43 9.41
CA ILE A 322 -28.36 4.48 10.82
C ILE A 322 -29.35 5.37 11.56
N LYS A 323 -29.90 4.85 12.65
CA LYS A 323 -30.89 5.59 13.42
C LYS A 323 -30.23 6.79 14.09
N GLY A 324 -30.79 7.98 13.85
CA GLY A 324 -30.27 9.20 14.42
C GLY A 324 -29.10 9.80 13.68
N SER A 325 -28.65 9.20 12.58
CA SER A 325 -27.51 9.69 11.81
C SER A 325 -27.93 9.85 10.35
N PRO A 326 -28.13 11.06 9.86
CA PRO A 326 -28.49 11.22 8.45
C PRO A 326 -27.37 10.73 7.54
N GLY A 327 -27.77 10.17 6.40
CA GLY A 327 -26.82 9.69 5.42
C GLY A 327 -26.85 8.18 5.24
N LEU A 328 -25.71 7.60 4.86
CA LEU A 328 -25.61 6.16 4.66
C LEU A 328 -24.29 5.68 5.26
N SER A 329 -24.32 4.48 5.84
CA SER A 329 -23.13 3.89 6.42
C SER A 329 -22.08 3.61 5.35
N PHE A 330 -20.92 3.10 5.76
CA PHE A 330 -19.88 2.71 4.80
C PHE A 330 -18.94 1.74 5.53
N TYR A 331 -19.23 0.45 5.41
CA TYR A 331 -18.43 -0.57 6.07
C TYR A 331 -18.52 -1.87 5.29
N PHE A 332 -17.57 -2.76 5.56
CA PHE A 332 -17.44 -4.01 4.84
C PHE A 332 -17.93 -5.17 5.70
N LYS A 333 -18.65 -6.09 5.07
CA LYS A 333 -19.07 -7.35 5.69
C LYS A 333 -18.35 -8.49 4.96
N ILE A 334 -17.41 -9.13 5.62
CA ILE A 334 -16.72 -10.28 5.07
C ILE A 334 -17.43 -11.54 5.57
N ASN A 335 -17.95 -12.34 4.64
CA ASN A 335 -18.69 -13.54 4.99
C ASN A 335 -19.81 -13.23 5.98
N GLY A 336 -20.39 -12.04 5.86
CA GLY A 336 -21.52 -11.63 6.67
C GLY A 336 -21.17 -10.94 7.98
N LEU A 337 -19.88 -10.80 8.29
CA LEU A 337 -19.45 -10.20 9.56
C LEU A 337 -18.85 -8.82 9.31
N PRO A 338 -19.28 -7.77 10.01
CA PRO A 338 -18.64 -6.46 9.85
C PRO A 338 -17.23 -6.47 10.44
N ILE A 339 -16.26 -6.02 9.64
CA ILE A 339 -14.86 -5.98 10.04
C ILE A 339 -14.34 -4.56 9.89
N PHE A 340 -13.56 -4.12 10.88
CA PHE A 340 -12.99 -2.78 10.88
C PHE A 340 -11.65 -2.82 10.15
N LEU A 341 -11.55 -2.08 9.05
CA LEU A 341 -10.31 -2.05 8.28
C LEU A 341 -9.20 -1.40 9.09
N LYS A 342 -8.07 -2.10 9.21
CA LYS A 342 -6.91 -1.60 9.93
C LYS A 342 -5.68 -1.78 9.04
N GLY A 343 -5.15 -0.67 8.53
CA GLY A 343 -3.97 -0.74 7.69
C GLY A 343 -3.45 0.61 7.26
N SER A 344 -2.85 0.66 6.07
CA SER A 344 -2.26 1.88 5.55
C SER A 344 -2.37 1.83 4.02
N ASN A 345 -1.72 2.78 3.36
CA ASN A 345 -1.74 2.88 1.90
C ASN A 345 -0.38 2.45 1.34
N TRP A 346 -0.42 1.63 0.30
CA TRP A 346 0.78 1.06 -0.30
C TRP A 346 1.19 1.87 -1.52
N ILE A 347 2.46 2.30 -1.56
CA ILE A 347 3.03 2.96 -2.73
C ILE A 347 4.13 2.07 -3.29
N PRO A 348 4.58 2.30 -4.53
CA PRO A 348 5.68 1.49 -5.06
C PRO A 348 6.87 1.49 -4.13
N ALA A 349 7.47 0.32 -3.93
CA ALA A 349 8.56 0.15 -2.98
C ALA A 349 9.91 0.61 -3.52
N ASP A 350 9.97 1.09 -4.77
CA ASP A 350 11.22 1.51 -5.36
C ASP A 350 10.91 2.21 -6.68
N SER A 351 11.79 3.14 -7.07
CA SER A 351 11.66 3.79 -8.36
C SER A 351 11.90 2.84 -9.53
N PHE A 352 12.44 1.65 -9.28
CA PHE A 352 12.72 0.67 -10.31
C PHE A 352 12.24 -0.69 -9.81
N GLN A 353 11.23 -1.24 -10.48
CA GLN A 353 10.53 -2.42 -9.95
C GLN A 353 11.42 -3.66 -10.01
N ASP A 354 12.35 -3.73 -10.95
CA ASP A 354 13.26 -4.87 -11.00
C ASP A 354 14.04 -5.04 -9.71
N LYS A 355 14.13 -3.99 -8.89
CA LYS A 355 14.82 -4.07 -7.60
C LYS A 355 13.88 -4.38 -6.45
N VAL A 356 12.59 -4.62 -6.71
CA VAL A 356 11.66 -5.01 -5.66
C VAL A 356 11.62 -6.54 -5.62
N THR A 357 12.71 -7.14 -5.16
CA THR A 357 12.87 -8.58 -5.19
C THR A 357 11.82 -9.26 -4.32
N SER A 358 11.80 -10.60 -4.40
CA SER A 358 10.91 -11.38 -3.55
C SER A 358 11.31 -11.27 -2.08
N ASP A 359 12.62 -11.27 -1.80
CA ASP A 359 13.08 -11.15 -0.42
C ASP A 359 12.57 -9.86 0.21
N ARG A 360 12.60 -8.76 -0.53
CA ARG A 360 12.10 -7.49 0.00
C ARG A 360 10.61 -7.58 0.32
N LEU A 361 9.83 -8.18 -0.58
CA LEU A 361 8.38 -8.16 -0.43
C LEU A 361 7.95 -8.91 0.83
N GLN A 362 8.40 -10.15 0.98
CA GLN A 362 8.03 -10.93 2.15
C GLN A 362 8.43 -10.21 3.43
N LEU A 363 9.62 -9.62 3.45
CA LEU A 363 10.06 -8.87 4.61
C LEU A 363 9.12 -7.70 4.89
N LEU A 364 8.74 -6.96 3.84
CA LEU A 364 7.80 -5.87 4.01
C LEU A 364 6.44 -6.38 4.51
N PHE A 365 6.01 -7.54 4.02
CA PHE A 365 4.74 -8.11 4.46
C PHE A 365 4.83 -8.67 5.87
N GLN A 366 6.03 -9.02 6.35
CA GLN A 366 6.18 -9.39 7.74
C GLN A 366 5.99 -8.17 8.64
N SER A 367 6.47 -7.01 8.19
CA SER A 367 6.28 -5.79 8.97
C SER A 367 4.82 -5.37 9.00
N VAL A 368 4.11 -5.54 7.88
CA VAL A 368 2.69 -5.23 7.83
C VAL A 368 1.92 -6.16 8.76
N VAL A 369 2.20 -7.46 8.68
CA VAL A 369 1.56 -8.43 9.56
C VAL A 369 1.86 -8.09 11.02
N ASP A 370 3.14 -7.91 11.34
CA ASP A 370 3.55 -7.69 12.73
C ASP A 370 3.02 -6.40 13.32
N ALA A 371 2.33 -5.57 12.52
CA ALA A 371 1.71 -4.35 13.02
C ALA A 371 0.20 -4.50 13.16
N ASN A 372 -0.31 -5.72 13.14
CA ASN A 372 -1.74 -6.00 13.34
C ASN A 372 -2.60 -5.37 12.27
N MET A 373 -2.04 -5.09 11.09
CA MET A 373 -2.83 -4.60 9.98
C MET A 373 -3.56 -5.74 9.28
N ASN A 374 -4.74 -5.44 8.74
CA ASN A 374 -5.51 -6.40 7.98
C ASN A 374 -5.88 -5.90 6.59
N THR A 375 -5.49 -4.68 6.23
CA THR A 375 -5.89 -4.07 4.96
C THR A 375 -4.71 -3.30 4.38
N LEU A 376 -4.63 -3.30 3.05
CA LEU A 376 -3.68 -2.47 2.32
C LEU A 376 -4.39 -1.89 1.11
N ARG A 377 -4.17 -0.60 0.87
CA ARG A 377 -4.75 0.08 -0.29
C ARG A 377 -3.65 0.30 -1.32
N VAL A 378 -3.72 -0.44 -2.41
CA VAL A 378 -2.78 -0.23 -3.52
C VAL A 378 -3.13 1.09 -4.16
N TRP A 379 -2.41 2.13 -3.79
CA TRP A 379 -2.76 3.50 -4.16
C TRP A 379 -2.66 3.69 -5.67
N GLY A 380 -3.65 4.40 -6.22
CA GLY A 380 -3.79 4.53 -7.66
C GLY A 380 -2.70 5.32 -8.37
N GLY A 381 -1.72 5.85 -7.65
CA GLY A 381 -0.61 6.51 -8.27
C GLY A 381 0.63 5.66 -8.44
N GLY A 382 0.59 4.40 -8.01
CA GLY A 382 1.72 3.50 -8.16
C GLY A 382 1.57 2.57 -9.34
N ILE A 383 1.46 1.27 -9.07
CA ILE A 383 1.34 0.26 -10.12
C ILE A 383 0.39 -0.83 -9.64
N TYR A 384 -0.19 -1.54 -10.61
CA TYR A 384 -0.77 -2.85 -10.32
C TYR A 384 0.36 -3.78 -9.92
N GLU A 385 0.41 -4.15 -8.66
CA GLU A 385 1.60 -4.78 -8.11
C GLU A 385 1.86 -6.13 -8.76
N GLN A 386 3.07 -6.65 -8.53
CA GLN A 386 3.49 -7.91 -9.09
C GLN A 386 2.64 -9.05 -8.53
N ASP A 387 2.74 -10.21 -9.18
CA ASP A 387 1.89 -11.35 -8.81
C ASP A 387 2.13 -11.76 -7.36
N GLU A 388 3.38 -11.74 -6.90
CA GLU A 388 3.68 -12.20 -5.55
C GLU A 388 3.09 -11.26 -4.49
N PHE A 389 2.86 -9.99 -4.83
CA PHE A 389 2.26 -9.08 -3.86
C PHE A 389 0.87 -9.54 -3.46
N TYR A 390 0.02 -9.84 -4.45
CA TYR A 390 -1.33 -10.30 -4.15
C TYR A 390 -1.34 -11.73 -3.65
N ALA A 391 -0.34 -12.52 -4.02
CA ALA A 391 -0.20 -13.87 -3.46
C ALA A 391 0.04 -13.79 -1.95
N LEU A 392 0.94 -12.91 -1.52
CA LEU A 392 1.19 -12.74 -0.10
C LEU A 392 -0.02 -12.19 0.63
N CYS A 393 -0.80 -11.33 -0.02
CA CYS A 393 -2.03 -10.83 0.61
C CYS A 393 -3.01 -11.97 0.86
N ASP A 394 -3.14 -12.88 -0.11
CA ASP A 394 -4.12 -13.97 0.03
C ASP A 394 -3.72 -14.90 1.15
N GLU A 395 -2.45 -15.28 1.23
CA GLU A 395 -2.01 -16.27 2.20
C GLU A 395 -1.92 -15.67 3.60
N LEU A 396 -1.42 -14.45 3.73
CA LEU A 396 -1.32 -13.80 5.02
C LEU A 396 -2.65 -13.24 5.51
N GLY A 397 -3.59 -12.97 4.61
CA GLY A 397 -4.90 -12.50 5.01
C GLY A 397 -5.01 -11.00 5.08
N ILE A 398 -4.37 -10.30 4.15
CA ILE A 398 -4.44 -8.84 4.07
C ILE A 398 -5.44 -8.49 2.96
N MET A 399 -6.52 -7.81 3.32
CA MET A 399 -7.46 -7.33 2.33
C MET A 399 -6.84 -6.19 1.54
N VAL A 400 -7.27 -6.04 0.29
CA VAL A 400 -6.65 -5.09 -0.63
C VAL A 400 -7.72 -4.17 -1.19
N TRP A 401 -7.56 -2.87 -0.93
CA TRP A 401 -8.33 -1.82 -1.61
C TRP A 401 -7.57 -1.45 -2.87
N GLN A 402 -8.10 -1.83 -4.03
CA GLN A 402 -7.36 -1.75 -5.29
C GLN A 402 -7.84 -0.56 -6.12
N ASP A 403 -7.09 0.52 -6.07
CA ASP A 403 -7.30 1.61 -7.03
C ASP A 403 -6.83 1.17 -8.42
N PHE A 404 -7.42 1.76 -9.44
CA PHE A 404 -6.85 1.73 -10.78
C PHE A 404 -5.86 2.88 -10.90
N MET A 405 -4.86 2.71 -11.76
CA MET A 405 -3.71 3.61 -11.78
C MET A 405 -4.06 4.93 -12.46
N PHE A 406 -4.98 5.65 -11.82
CA PHE A 406 -5.32 7.03 -12.16
C PHE A 406 -5.42 7.79 -10.86
N ALA A 407 -4.62 8.85 -10.69
CA ALA A 407 -4.47 9.47 -9.38
C ALA A 407 -4.28 10.97 -9.51
N SER A 408 -5.10 11.73 -8.77
CA SER A 408 -4.91 13.16 -8.57
C SER A 408 -4.60 13.88 -9.88
N ALA A 409 -5.47 13.68 -10.85
CA ALA A 409 -5.26 14.27 -12.18
C ALA A 409 -6.45 14.03 -13.10
N LEU A 410 -6.62 14.94 -14.07
CA LEU A 410 -7.59 14.73 -15.13
C LEU A 410 -6.89 14.10 -16.34
N TYR A 411 -7.62 13.24 -17.04
CA TYR A 411 -7.04 12.45 -18.11
C TYR A 411 -7.81 12.66 -19.40
N PRO A 412 -7.17 12.46 -20.54
CA PRO A 412 -7.82 12.72 -21.83
C PRO A 412 -8.75 11.59 -22.26
N THR A 413 -9.66 11.94 -23.16
CA THR A 413 -10.61 11.00 -23.75
C THR A 413 -10.26 10.68 -25.19
N GLU A 414 -9.14 11.17 -25.68
CA GLU A 414 -8.72 10.89 -27.05
C GLU A 414 -8.83 9.39 -27.34
N PRO A 415 -9.33 8.99 -28.51
CA PRO A 415 -9.62 7.55 -28.72
C PRO A 415 -8.43 6.64 -28.51
N GLY A 416 -7.25 7.03 -28.98
CA GLY A 416 -6.07 6.20 -28.76
C GLY A 416 -5.81 5.96 -27.29
N PHE A 417 -6.00 6.98 -26.45
CA PHE A 417 -5.79 6.83 -25.01
C PHE A 417 -6.78 5.82 -24.42
N LEU A 418 -8.07 5.99 -24.71
CA LEU A 418 -9.07 5.05 -24.19
C LEU A 418 -8.81 3.63 -24.71
N ALA A 419 -8.48 3.51 -26.00
CA ALA A 419 -8.11 2.19 -26.51
C ALA A 419 -7.03 1.56 -25.65
N SER A 420 -6.03 2.35 -25.25
CA SER A 420 -4.96 1.83 -24.41
C SER A 420 -5.47 1.53 -23.01
N VAL A 421 -6.33 2.39 -22.47
CA VAL A 421 -6.88 2.18 -21.13
C VAL A 421 -7.78 0.96 -21.10
N ARG A 422 -8.47 0.65 -22.21
CA ARG A 422 -9.35 -0.51 -22.22
C ARG A 422 -8.56 -1.81 -22.14
N LYS A 423 -7.47 -1.92 -22.91
CA LYS A 423 -6.61 -3.10 -22.80
C LYS A 423 -6.10 -3.25 -21.38
N GLU A 424 -5.57 -2.16 -20.81
CA GLU A 424 -5.05 -2.18 -19.45
C GLU A 424 -6.09 -2.74 -18.47
N VAL A 425 -7.28 -2.13 -18.44
CA VAL A 425 -8.28 -2.49 -17.45
C VAL A 425 -8.75 -3.92 -17.66
N THR A 426 -9.03 -4.30 -18.91
CA THR A 426 -9.39 -5.68 -19.20
C THR A 426 -8.28 -6.62 -18.74
N TYR A 427 -7.03 -6.26 -19.03
CA TYR A 427 -5.91 -7.13 -18.68
C TYR A 427 -5.78 -7.29 -17.17
N GLN A 428 -5.81 -6.17 -16.44
CA GLN A 428 -5.55 -6.22 -15.01
C GLN A 428 -6.70 -6.87 -14.24
N VAL A 429 -7.95 -6.54 -14.61
CA VAL A 429 -9.08 -7.14 -13.92
C VAL A 429 -9.06 -8.65 -14.05
N ARG A 430 -8.79 -9.16 -15.25
CA ARG A 430 -8.75 -10.60 -15.44
C ARG A 430 -7.61 -11.23 -14.64
N ARG A 431 -6.51 -10.48 -14.46
CA ARG A 431 -5.38 -11.02 -13.70
C ARG A 431 -5.68 -11.06 -12.21
N LEU A 432 -6.30 -10.01 -11.68
CA LEU A 432 -6.39 -9.81 -10.24
C LEU A 432 -7.71 -10.27 -9.64
N LYS A 433 -8.75 -10.49 -10.44
CA LYS A 433 -10.07 -10.72 -9.87
C LYS A 433 -10.21 -12.07 -9.17
N SER A 434 -9.24 -12.96 -9.30
CA SER A 434 -9.32 -14.26 -8.65
C SER A 434 -8.78 -14.24 -7.22
N HIS A 435 -8.20 -13.13 -6.78
CA HIS A 435 -7.62 -13.05 -5.44
C HIS A 435 -8.70 -12.70 -4.42
N PRO A 436 -8.80 -13.43 -3.30
CA PRO A 436 -9.76 -13.02 -2.26
C PRO A 436 -9.37 -11.74 -1.56
N SER A 437 -8.06 -11.45 -1.47
CA SER A 437 -7.60 -10.29 -0.72
C SER A 437 -8.29 -9.02 -1.19
N ILE A 438 -8.38 -8.81 -2.50
CA ILE A 438 -9.02 -7.61 -3.03
C ILE A 438 -10.48 -7.62 -2.58
N ILE A 439 -10.89 -6.56 -1.89
CA ILE A 439 -12.25 -6.44 -1.39
C ILE A 439 -13.06 -5.35 -2.08
N ILE A 440 -12.42 -4.46 -2.83
CA ILE A 440 -13.14 -3.38 -3.50
C ILE A 440 -12.32 -2.90 -4.67
N TRP A 441 -13.01 -2.55 -5.76
CA TRP A 441 -12.39 -1.83 -6.86
C TRP A 441 -12.62 -0.34 -6.66
N SER A 442 -11.65 0.47 -7.05
CA SER A 442 -11.73 1.92 -6.90
C SER A 442 -11.19 2.58 -8.15
N GLY A 443 -11.98 3.47 -8.73
CA GLY A 443 -11.67 3.98 -10.06
C GLY A 443 -10.43 4.84 -10.11
N ASN A 444 -10.15 5.59 -9.05
CA ASN A 444 -9.08 6.58 -9.09
C ASN A 444 -8.81 7.07 -7.67
N ASN A 445 -7.88 8.03 -7.57
CA ASN A 445 -7.51 8.65 -6.29
C ASN A 445 -7.79 10.15 -6.37
N GLU A 446 -8.79 10.61 -5.62
CA GLU A 446 -9.06 12.02 -5.37
C GLU A 446 -9.53 12.78 -6.61
N ASN A 447 -9.84 12.10 -7.71
CA ASN A 447 -10.23 12.82 -8.93
C ASN A 447 -11.68 13.28 -8.89
N GLU A 448 -12.54 12.60 -8.14
CA GLU A 448 -13.89 13.11 -7.91
C GLU A 448 -13.83 14.43 -7.16
N VAL A 449 -12.92 14.54 -6.20
CA VAL A 449 -12.74 15.79 -5.46
C VAL A 449 -12.18 16.87 -6.37
N ALA A 450 -11.22 16.50 -7.24
CA ALA A 450 -10.57 17.50 -8.08
C ALA A 450 -11.55 18.25 -8.96
N LEU A 451 -12.62 17.58 -9.39
CA LEU A 451 -13.65 18.23 -10.19
C LEU A 451 -14.73 18.87 -9.31
N SER A 452 -15.10 18.22 -8.21
CA SER A 452 -16.09 18.79 -7.31
C SER A 452 -15.61 20.13 -6.74
N VAL A 453 -14.39 20.14 -6.20
CA VAL A 453 -13.81 21.37 -5.66
C VAL A 453 -13.12 22.20 -6.74
N ASN A 454 -12.74 21.59 -7.86
CA ASN A 454 -12.03 22.29 -8.93
C ASN A 454 -10.61 22.64 -8.48
N TRP A 455 -9.84 21.63 -8.07
CA TRP A 455 -8.44 21.84 -7.69
C TRP A 455 -7.69 22.60 -8.77
N PHE A 456 -7.94 22.28 -10.04
CA PHE A 456 -7.15 22.76 -11.15
C PHE A 456 -7.70 24.06 -11.75
N HIS A 457 -8.65 24.69 -11.07
CA HIS A 457 -9.11 26.04 -11.41
C HIS A 457 -9.42 26.17 -12.91
N VAL A 458 -10.40 25.40 -13.33
CA VAL A 458 -10.90 25.46 -14.70
C VAL A 458 -11.98 26.53 -14.76
N ASN A 459 -12.15 27.13 -15.94
CA ASN A 459 -13.25 28.05 -16.14
C ASN A 459 -14.58 27.31 -15.97
N PRO A 460 -15.55 27.87 -15.25
CA PRO A 460 -16.85 27.19 -15.15
C PRO A 460 -17.50 26.94 -16.50
N ARG A 461 -17.03 27.60 -17.56
CA ARG A 461 -17.54 27.35 -18.90
C ARG A 461 -17.12 25.96 -19.40
N ASP A 462 -15.83 25.65 -19.30
CA ASP A 462 -15.31 24.38 -19.81
C ASP A 462 -15.49 23.22 -18.84
N MET A 463 -16.08 23.45 -17.66
CA MET A 463 -16.27 22.36 -16.71
C MET A 463 -17.05 21.21 -17.34
N LYS A 464 -18.12 21.53 -18.07
CA LYS A 464 -18.93 20.50 -18.72
C LYS A 464 -18.05 19.48 -19.43
N THR A 465 -17.06 19.95 -20.18
CA THR A 465 -16.16 19.05 -20.89
C THR A 465 -15.52 18.04 -19.95
N TYR A 466 -14.85 18.53 -18.90
CA TYR A 466 -14.12 17.65 -18.01
C TYR A 466 -15.05 16.71 -17.25
N ILE A 467 -16.24 17.19 -16.88
CA ILE A 467 -17.22 16.31 -16.23
C ILE A 467 -17.51 15.11 -17.12
N ASP A 468 -17.77 15.35 -18.40
CA ASP A 468 -18.04 14.25 -19.32
C ASP A 468 -16.85 13.30 -19.41
N ASP A 469 -15.63 13.85 -19.44
CA ASP A 469 -14.44 12.99 -19.54
C ASP A 469 -14.28 12.13 -18.29
N TYR A 470 -14.70 12.63 -17.13
CA TYR A 470 -14.65 11.83 -15.91
C TYR A 470 -15.60 10.64 -16.00
N VAL A 471 -16.82 10.88 -16.46
CA VAL A 471 -17.79 9.80 -16.62
C VAL A 471 -17.32 8.84 -17.70
N THR A 472 -16.88 9.38 -18.84
CA THR A 472 -16.44 8.53 -19.95
C THR A 472 -15.36 7.55 -19.49
N LEU A 473 -14.43 8.02 -18.66
CA LEU A 473 -13.27 7.22 -18.31
C LEU A 473 -13.60 6.21 -17.22
N TYR A 474 -14.19 6.65 -16.12
CA TYR A 474 -14.37 5.80 -14.96
C TYR A 474 -15.68 5.04 -14.96
N VAL A 475 -16.71 5.55 -15.66
CA VAL A 475 -18.02 4.90 -15.65
C VAL A 475 -18.25 4.17 -16.98
N LYS A 476 -18.14 4.90 -18.09
CA LYS A 476 -18.44 4.29 -19.38
C LYS A 476 -17.41 3.24 -19.78
N ASN A 477 -16.18 3.35 -19.29
CA ASN A 477 -15.11 2.42 -19.64
C ASN A 477 -14.71 1.56 -18.44
N ILE A 478 -14.04 2.15 -17.45
CA ILE A 478 -13.48 1.35 -16.36
C ILE A 478 -14.57 0.57 -15.64
N ARG A 479 -15.62 1.25 -15.20
CA ARG A 479 -16.70 0.55 -14.52
C ARG A 479 -17.37 -0.46 -15.45
N LYS A 480 -17.60 -0.06 -16.70
CA LYS A 480 -18.25 -0.96 -17.66
C LYS A 480 -17.49 -2.27 -17.78
N ILE A 481 -16.15 -2.21 -17.73
CA ILE A 481 -15.34 -3.41 -17.90
C ILE A 481 -15.29 -4.21 -16.61
N VAL A 482 -15.10 -3.54 -15.47
CA VAL A 482 -15.05 -4.25 -14.19
C VAL A 482 -16.30 -5.08 -13.98
N LEU A 483 -17.47 -4.47 -14.20
CA LEU A 483 -18.72 -5.17 -13.90
C LEU A 483 -19.04 -6.24 -14.93
N SER A 484 -18.54 -6.09 -16.16
CA SER A 484 -18.70 -7.15 -17.15
C SER A 484 -17.85 -8.37 -16.83
N GLU A 485 -16.86 -8.23 -15.94
CA GLU A 485 -15.99 -9.32 -15.53
C GLU A 485 -16.24 -9.79 -14.12
N ASP A 486 -16.75 -8.93 -13.23
CA ASP A 486 -16.82 -9.25 -11.82
C ASP A 486 -17.96 -8.47 -11.19
N LYS A 487 -18.94 -9.18 -10.64
CA LYS A 487 -20.00 -8.60 -9.83
C LYS A 487 -20.00 -9.17 -8.42
N SER A 488 -18.86 -9.67 -7.96
CA SER A 488 -18.71 -10.19 -6.61
C SER A 488 -18.16 -9.16 -5.64
N ARG A 489 -17.55 -8.09 -6.15
CA ARG A 489 -16.96 -7.06 -5.31
C ARG A 489 -17.61 -5.71 -5.58
N PRO A 490 -17.72 -4.86 -4.56
CA PRO A 490 -18.19 -3.50 -4.80
C PRO A 490 -17.21 -2.72 -5.67
N PHE A 491 -17.73 -1.66 -6.29
CA PHE A 491 -16.94 -0.75 -7.10
C PHE A 491 -17.31 0.68 -6.73
N ILE A 492 -16.29 1.52 -6.56
CA ILE A 492 -16.47 2.95 -6.32
C ILE A 492 -15.72 3.70 -7.42
N ALA A 493 -16.32 4.81 -7.88
CA ALA A 493 -15.71 5.55 -8.97
C ALA A 493 -14.42 6.24 -8.53
N SER A 494 -14.32 6.62 -7.26
CA SER A 494 -13.17 7.39 -6.79
C SER A 494 -13.07 7.27 -5.28
N SER A 495 -11.94 7.74 -4.75
CA SER A 495 -11.77 7.87 -3.30
C SER A 495 -11.02 9.18 -2.99
N PRO A 496 -11.56 10.01 -2.09
CA PRO A 496 -12.79 9.81 -1.31
C PRO A 496 -14.04 10.03 -2.15
N THR A 497 -15.13 9.34 -1.79
CA THR A 497 -16.38 9.45 -2.53
C THR A 497 -17.54 9.39 -1.54
N ASN A 498 -18.75 9.51 -2.06
CA ASN A 498 -19.96 9.37 -1.25
C ASN A 498 -20.72 8.09 -1.56
N GLY A 499 -20.13 7.18 -2.35
CA GLY A 499 -20.76 5.89 -2.59
C GLY A 499 -22.03 6.05 -3.40
N MET A 500 -23.08 5.30 -3.00
CA MET A 500 -24.35 5.36 -3.70
C MET A 500 -24.79 6.80 -3.91
N LYS A 501 -24.53 7.67 -2.93
CA LYS A 501 -24.92 9.07 -3.05
C LYS A 501 -24.19 9.74 -4.20
N THR A 502 -22.92 9.40 -4.43
CA THR A 502 -22.20 9.94 -5.58
C THR A 502 -22.88 9.54 -6.87
N MET A 503 -23.24 8.26 -7.00
CA MET A 503 -23.94 7.81 -8.20
C MET A 503 -25.24 8.56 -8.40
N GLU A 504 -26.01 8.74 -7.32
CA GLU A 504 -27.26 9.48 -7.40
C GLU A 504 -27.07 10.87 -7.98
N GLU A 505 -25.92 11.49 -7.73
CA GLU A 505 -25.64 12.85 -8.19
C GLU A 505 -24.85 12.90 -9.49
N GLY A 506 -24.90 11.82 -10.28
CA GLY A 506 -24.24 11.83 -11.58
C GLY A 506 -22.76 11.55 -11.56
N TRP A 507 -22.25 10.91 -10.50
CA TRP A 507 -20.86 10.45 -10.36
C TRP A 507 -19.90 11.53 -9.89
N ILE A 508 -20.40 12.71 -9.51
CA ILE A 508 -19.56 13.74 -8.90
C ILE A 508 -20.37 14.43 -7.81
N SER A 509 -20.19 13.99 -6.57
CA SER A 509 -21.01 14.48 -5.47
C SER A 509 -20.78 15.97 -5.25
N TYR A 510 -21.74 16.60 -4.56
CA TYR A 510 -21.63 18.02 -4.23
C TYR A 510 -20.54 18.24 -3.19
N ASP A 511 -20.37 17.32 -2.25
CA ASP A 511 -19.33 17.40 -1.23
C ASP A 511 -18.76 16.01 -1.00
N PRO A 512 -17.78 15.59 -1.80
CA PRO A 512 -17.21 14.25 -1.62
C PRO A 512 -16.51 14.06 -0.29
N TYR A 513 -16.07 15.14 0.37
CA TYR A 513 -15.50 15.07 1.70
C TYR A 513 -16.57 14.92 2.78
N SER A 514 -17.80 14.61 2.41
CA SER A 514 -18.87 14.50 3.39
C SER A 514 -18.58 13.38 4.39
N ILE A 515 -18.83 13.68 5.66
CA ILE A 515 -18.71 12.67 6.72
C ILE A 515 -19.95 11.83 6.85
N GLN A 516 -21.04 12.18 6.16
CA GLN A 516 -22.28 11.44 6.22
C GLN A 516 -22.35 10.32 5.18
N TYR A 517 -21.47 10.33 4.19
CA TYR A 517 -21.46 9.33 3.13
C TYR A 517 -20.04 8.90 2.83
N GLY A 518 -19.91 7.67 2.34
CA GLY A 518 -18.66 7.19 1.79
C GLY A 518 -17.50 7.37 2.75
N ASP A 519 -16.30 7.45 2.18
CA ASP A 519 -15.07 7.61 2.92
C ASP A 519 -14.53 9.02 2.73
N ILE A 520 -13.46 9.34 3.48
CA ILE A 520 -12.84 10.65 3.41
C ILE A 520 -11.33 10.51 3.57
N HIS A 521 -10.63 11.52 3.04
CA HIS A 521 -9.22 11.74 3.33
C HIS A 521 -9.11 13.00 4.18
N PHE A 522 -8.28 12.96 5.22
CA PHE A 522 -8.14 14.10 6.12
C PHE A 522 -6.67 14.42 6.33
N TYR A 523 -6.32 15.69 6.12
CA TYR A 523 -4.97 16.19 6.35
C TYR A 523 -5.07 17.55 7.00
N ASN A 524 -4.25 17.77 8.04
CA ASN A 524 -4.29 19.02 8.79
C ASN A 524 -2.90 19.25 9.40
N TYR A 525 -2.27 20.35 9.00
CA TYR A 525 -0.92 20.66 9.46
C TYR A 525 -0.84 21.89 10.34
N ALA A 526 -1.95 22.62 10.51
CA ALA A 526 -1.93 23.88 11.25
C ALA A 526 -2.43 23.75 12.68
N ASP A 527 -3.36 22.84 12.95
CA ASP A 527 -4.01 22.75 14.25
C ASP A 527 -3.34 21.69 15.12
N ASP A 528 -3.66 21.75 16.41
CA ASP A 528 -3.08 20.84 17.39
C ASP A 528 -3.62 19.42 17.17
N CYS A 529 -2.72 18.50 16.83
CA CYS A 529 -3.14 17.13 16.51
C CYS A 529 -3.62 16.36 17.74
N TRP A 530 -3.36 16.85 18.95
CA TRP A 530 -3.90 16.20 20.14
C TRP A 530 -5.38 16.49 20.33
N ASN A 531 -5.85 17.64 19.85
CA ASN A 531 -7.26 18.01 19.94
C ASN A 531 -8.08 17.19 18.95
N TRP A 532 -8.56 16.03 19.39
CA TRP A 532 -9.26 15.12 18.49
C TRP A 532 -10.55 15.71 17.90
N LYS A 533 -10.98 16.88 18.37
CA LYS A 533 -12.20 17.47 17.83
C LYS A 533 -12.02 17.97 16.40
N ILE A 534 -10.76 18.15 15.94
CA ILE A 534 -10.53 18.56 14.56
C ILE A 534 -10.85 17.43 13.60
N PHE A 535 -10.65 16.18 14.03
CA PHE A 535 -10.80 15.05 13.13
C PHE A 535 -12.28 14.83 12.80
N PRO A 536 -12.57 14.39 11.58
CA PRO A 536 -13.98 14.15 11.21
C PRO A 536 -14.43 12.77 11.64
N LYS A 537 -15.64 12.71 12.19
CA LYS A 537 -16.25 11.45 12.61
C LYS A 537 -16.98 10.83 11.42
N ALA A 538 -16.18 10.37 10.46
CA ALA A 538 -16.68 9.92 9.17
C ALA A 538 -17.03 8.43 9.21
N ARG A 539 -17.61 7.95 8.11
CA ARG A 539 -18.01 6.55 8.01
C ARG A 539 -16.79 5.65 7.87
N LEU A 540 -15.78 6.10 7.14
CA LEU A 540 -14.58 5.31 6.92
C LEU A 540 -13.49 6.25 6.45
N VAL A 541 -12.31 6.17 7.06
CA VAL A 541 -11.18 7.02 6.73
C VAL A 541 -10.18 6.17 5.95
N SER A 542 -10.03 6.47 4.66
CA SER A 542 -9.11 5.75 3.79
C SER A 542 -7.76 6.44 3.65
N GLU A 543 -7.61 7.65 4.19
CA GLU A 543 -6.33 8.35 4.20
C GLU A 543 -6.31 9.32 5.35
N TYR A 544 -5.12 9.48 5.94
CA TYR A 544 -4.85 10.48 6.97
C TYR A 544 -3.42 10.26 7.43
N GLY A 545 -2.67 11.33 7.66
CA GLY A 545 -1.28 11.15 7.99
C GLY A 545 -0.50 12.42 8.26
N TYR A 546 0.53 12.30 9.10
CA TYR A 546 1.47 13.37 9.36
C TYR A 546 2.85 12.95 8.86
N GLN A 547 3.71 13.94 8.65
CA GLN A 547 4.99 13.76 7.99
C GLN A 547 6.12 13.69 9.01
N SER A 548 7.16 12.94 8.67
CA SER A 548 8.34 12.83 9.52
C SER A 548 9.54 12.45 8.67
N TRP A 549 10.75 12.63 9.26
CA TRP A 549 12.00 12.33 8.59
C TRP A 549 12.48 10.92 8.94
N PRO A 550 13.11 10.21 8.00
CA PRO A 550 13.66 8.89 8.33
C PRO A 550 14.90 9.02 9.21
N SER A 551 15.30 7.89 9.79
CA SER A 551 16.45 7.86 10.67
C SER A 551 17.70 8.36 9.95
N PHE A 552 18.64 8.86 10.74
CA PHE A 552 19.93 9.25 10.17
C PHE A 552 20.62 8.07 9.50
N SER A 553 20.39 6.87 10.00
CA SER A 553 21.00 5.68 9.39
C SER A 553 20.60 5.55 7.94
N THR A 554 19.34 5.87 7.63
CA THR A 554 18.85 5.76 6.25
C THR A 554 19.36 6.91 5.38
N LEU A 555 19.36 8.13 5.91
CA LEU A 555 19.83 9.27 5.14
C LEU A 555 21.33 9.22 4.90
N GLU A 556 22.09 8.60 5.81
CA GLU A 556 23.53 8.58 5.70
C GLU A 556 23.99 7.98 4.38
N LYS A 557 23.23 7.02 3.84
CA LYS A 557 23.67 6.27 2.67
C LYS A 557 23.55 7.04 1.37
N VAL A 558 22.90 8.21 1.37
CA VAL A 558 22.74 8.99 0.14
C VAL A 558 22.96 10.47 0.43
N SER A 559 23.88 10.77 1.34
CA SER A 559 24.16 12.16 1.70
C SER A 559 25.61 12.29 2.12
N SER A 560 26.10 13.53 2.04
CA SER A 560 27.46 13.86 2.43
C SER A 560 27.47 14.47 3.83
N GLN A 561 28.67 14.77 4.33
CA GLN A 561 28.80 15.29 5.68
C GLN A 561 28.16 16.67 5.81
N GLU A 562 28.28 17.51 4.78
CA GLU A 562 27.78 18.87 4.83
C GLU A 562 26.26 18.95 4.71
N ASP A 563 25.59 17.84 4.39
CA ASP A 563 24.16 17.83 4.15
C ASP A 563 23.33 17.59 5.41
N TRP A 564 23.98 17.35 6.55
CA TRP A 564 23.28 16.88 7.74
C TRP A 564 22.81 18.05 8.61
N ALA A 565 22.00 18.91 8.01
CA ALA A 565 21.32 19.98 8.72
C ALA A 565 19.87 20.02 8.29
N TYR A 566 18.99 20.42 9.22
CA TYR A 566 17.56 20.35 8.98
C TYR A 566 17.12 21.25 7.82
N ASN A 567 17.89 22.30 7.51
CA ASN A 567 17.55 23.21 6.42
C ASN A 567 18.63 23.24 5.35
N SER A 568 19.51 22.24 5.32
CA SER A 568 20.57 22.20 4.33
C SER A 568 19.98 22.15 2.92
N ARG A 569 20.83 22.43 1.94
CA ARG A 569 20.42 22.32 0.55
C ARG A 569 19.88 20.92 0.24
N PHE A 570 20.46 19.90 0.87
CA PHE A 570 20.04 18.53 0.59
C PHE A 570 18.68 18.23 1.21
N SER A 571 18.46 18.68 2.45
CA SER A 571 17.20 18.38 3.13
C SER A 571 16.02 19.10 2.48
N LEU A 572 16.21 20.36 2.09
CA LEU A 572 15.16 21.08 1.40
C LEU A 572 14.90 20.49 0.02
N HIS A 573 15.95 20.00 -0.65
CA HIS A 573 15.78 19.37 -1.96
C HIS A 573 15.02 18.06 -1.85
N ARG A 574 15.24 17.31 -0.77
CA ARG A 574 14.56 16.04 -0.58
C ARG A 574 13.10 16.20 -0.19
N GLN A 575 12.74 17.33 0.41
CA GLN A 575 11.35 17.60 0.73
C GLN A 575 10.58 17.90 -0.54
N HIS A 576 9.52 17.13 -0.79
CA HIS A 576 8.66 17.35 -1.95
C HIS A 576 7.26 17.81 -1.55
N HIS A 577 7.09 18.25 -0.31
CA HIS A 577 5.82 18.79 0.17
C HIS A 577 6.00 20.26 0.51
N GLU A 578 5.05 21.09 0.08
CA GLU A 578 5.11 22.52 0.31
C GLU A 578 5.22 22.83 1.81
N ASP A 579 6.35 23.40 2.23
CA ASP A 579 6.54 23.80 3.63
C ASP A 579 6.42 22.61 4.58
N GLY A 580 6.88 21.45 4.13
CA GLY A 580 6.80 20.26 4.97
C GLY A 580 7.64 20.37 6.23
N ASN A 581 8.82 20.97 6.11
CA ASN A 581 9.71 21.12 7.27
C ASN A 581 9.12 22.08 8.28
N HIS A 582 8.66 23.25 7.82
CA HIS A 582 8.02 24.19 8.73
C HIS A 582 6.81 23.56 9.40
N GLN A 583 5.97 22.85 8.63
CA GLN A 583 4.80 22.21 9.21
C GLN A 583 5.19 21.25 10.33
N MET A 584 6.14 20.35 10.05
CA MET A 584 6.56 19.40 11.08
C MET A 584 7.00 20.12 12.34
N LEU A 585 7.94 21.06 12.22
CA LEU A 585 8.38 21.81 13.39
C LEU A 585 7.22 22.56 14.03
N HIS A 586 6.32 23.12 13.23
CA HIS A 586 5.16 23.79 13.78
C HIS A 586 4.32 22.84 14.62
N GLN A 587 4.32 21.56 14.27
CA GLN A 587 3.58 20.57 15.05
C GLN A 587 4.38 20.04 16.24
N VAL A 588 5.71 20.09 16.17
CA VAL A 588 6.53 19.71 17.31
C VAL A 588 6.43 20.76 18.42
N LYS A 589 6.58 22.04 18.04
CA LYS A 589 6.44 23.12 19.02
C LYS A 589 5.10 23.07 19.73
N MET A 590 4.10 22.39 19.16
CA MET A 590 2.79 22.33 19.77
C MET A 590 2.85 21.75 21.18
N HIS A 591 3.74 20.77 21.39
CA HIS A 591 3.82 20.10 22.69
C HIS A 591 5.24 19.80 23.16
N PHE A 592 6.27 20.01 22.34
CA PHE A 592 7.64 19.65 22.68
C PHE A 592 8.53 20.88 22.53
N LYS A 593 9.80 20.72 22.90
CA LYS A 593 10.79 21.78 22.83
C LYS A 593 11.76 21.46 21.70
N LEU A 594 11.92 22.40 20.76
CA LEU A 594 12.86 22.20 19.68
C LEU A 594 14.25 21.91 20.25
N PRO A 595 15.05 21.09 19.58
CA PRO A 595 16.35 20.70 20.14
C PRO A 595 17.22 21.93 20.39
N GLN A 596 17.82 21.97 21.58
CA GLN A 596 18.72 23.04 21.99
C GLN A 596 20.05 22.38 22.36
N GLY A 597 20.93 22.24 21.36
CA GLY A 597 22.22 21.62 21.57
C GLY A 597 23.32 22.43 20.89
N THR A 598 24.56 22.06 21.22
CA THR A 598 25.73 22.73 20.65
C THR A 598 26.18 22.06 19.35
N ASP A 599 26.04 20.75 19.25
CA ASP A 599 26.54 20.02 18.09
C ASP A 599 25.49 20.06 16.98
N PRO A 600 25.79 20.62 15.81
CA PRO A 600 24.79 20.62 14.72
C PRO A 600 24.36 19.22 14.30
N LEU A 601 25.25 18.23 14.42
CA LEU A 601 24.88 16.86 14.08
C LEU A 601 23.87 16.30 15.08
N ARG A 602 24.13 16.48 16.37
CA ARG A 602 23.19 16.00 17.39
C ARG A 602 21.84 16.68 17.23
N THR A 603 21.83 17.99 17.05
CA THR A 603 20.58 18.70 16.80
C THR A 603 19.83 18.08 15.62
N PHE A 604 20.54 17.81 14.54
CA PHE A 604 19.91 17.21 13.35
C PHE A 604 19.27 15.88 13.71
N LYS A 605 19.99 15.01 14.41
CA LYS A 605 19.43 13.72 14.82
C LYS A 605 18.26 13.92 15.76
N ASP A 606 18.41 14.79 16.75
CA ASP A 606 17.33 15.00 17.72
C ASP A 606 16.09 15.61 17.06
N THR A 607 16.28 16.37 15.98
CA THR A 607 15.13 16.93 15.27
C THR A 607 14.36 15.84 14.55
N ILE A 608 15.07 14.99 13.79
CA ILE A 608 14.44 13.82 13.19
C ILE A 608 13.67 13.05 14.25
N TYR A 609 14.35 12.68 15.34
CA TYR A 609 13.72 11.97 16.43
C TYR A 609 12.41 12.63 16.83
N LEU A 610 12.40 13.96 16.93
CA LEU A 610 11.19 14.65 17.38
C LEU A 610 10.08 14.57 16.34
N THR A 611 10.41 14.74 15.05
CA THR A 611 9.39 14.59 14.02
C THR A 611 8.73 13.23 14.13
N GLN A 612 9.54 12.17 14.29
CA GLN A 612 8.98 10.83 14.44
C GLN A 612 8.19 10.72 15.74
N VAL A 613 8.54 11.48 16.77
CA VAL A 613 7.73 11.54 17.97
C VAL A 613 6.41 12.24 17.68
N MET A 614 6.47 13.38 16.99
CA MET A 614 5.25 14.10 16.64
C MET A 614 4.36 13.24 15.74
N GLN A 615 4.95 12.61 14.72
CA GLN A 615 4.17 11.76 13.83
C GLN A 615 3.49 10.64 14.60
N ALA A 616 4.25 9.91 15.42
CA ALA A 616 3.70 8.74 16.10
C ALA A 616 2.54 9.14 17.02
N GLN A 617 2.76 10.14 17.87
CA GLN A 617 1.72 10.54 18.81
C GLN A 617 0.52 11.12 18.08
N CYS A 618 0.75 11.95 17.06
CA CYS A 618 -0.36 12.52 16.32
C CYS A 618 -1.26 11.43 15.73
N ILE A 619 -0.66 10.50 14.98
CA ILE A 619 -1.45 9.44 14.35
C ILE A 619 -2.08 8.55 15.40
N LYS A 620 -1.35 8.26 16.48
CA LYS A 620 -1.94 7.48 17.56
C LYS A 620 -3.18 8.17 18.11
N THR A 621 -3.12 9.50 18.26
CA THR A 621 -4.30 10.24 18.68
C THR A 621 -5.43 10.11 17.65
N GLU A 622 -5.10 10.31 16.37
CA GLU A 622 -6.13 10.32 15.34
C GLU A 622 -6.73 8.93 15.16
N THR A 623 -5.90 7.89 15.03
CA THR A 623 -6.42 6.54 14.86
C THR A 623 -7.32 6.15 16.02
N GLU A 624 -6.84 6.34 17.25
CA GLU A 624 -7.64 5.97 18.42
C GLU A 624 -9.01 6.63 18.40
N PHE A 625 -9.10 7.85 17.85
CA PHE A 625 -10.40 8.51 17.73
C PHE A 625 -11.32 7.73 16.79
N TYR A 626 -10.80 7.31 15.64
CA TYR A 626 -11.61 6.55 14.69
C TYR A 626 -11.99 5.18 15.24
N LEU A 627 -11.14 4.58 16.07
CA LEU A 627 -11.43 3.26 16.61
C LEU A 627 -12.64 3.32 17.55
N ARG A 628 -12.63 4.25 18.50
CA ARG A 628 -13.72 4.33 19.46
C ARG A 628 -15.00 4.89 18.86
N SER A 629 -14.94 5.46 17.66
CA SER A 629 -16.11 6.02 16.99
C SER A 629 -16.85 4.98 16.15
N ARG A 630 -16.60 3.69 16.38
CA ARG A 630 -17.17 2.65 15.53
C ARG A 630 -18.59 2.27 15.91
N SER A 631 -18.99 2.49 17.15
CA SER A 631 -20.29 2.05 17.64
C SER A 631 -21.22 3.17 18.08
N GLU A 632 -20.72 4.40 18.19
CA GLU A 632 -21.52 5.51 18.70
C GLU A 632 -21.91 6.46 17.59
N ILE A 633 -23.00 7.20 17.84
CA ILE A 633 -23.43 8.31 16.99
C ILE A 633 -23.46 9.55 17.87
N VAL A 634 -22.67 10.56 17.51
CA VAL A 634 -22.57 11.80 18.26
C VAL A 634 -22.76 12.95 17.27
N ASP A 635 -23.77 13.77 17.49
CA ASP A 635 -24.05 14.93 16.65
C ASP A 635 -24.45 14.51 15.24
N GLY A 636 -25.08 13.34 15.11
CA GLY A 636 -25.43 12.83 13.80
C GLY A 636 -24.27 12.27 13.01
N LYS A 637 -23.17 11.93 13.68
CA LYS A 637 -21.97 11.45 13.02
C LYS A 637 -21.40 10.28 13.83
N GLY A 638 -20.92 9.26 13.13
CA GLY A 638 -20.30 8.14 13.81
C GLY A 638 -20.32 6.89 12.94
N HIS A 639 -20.19 5.75 13.62
CA HIS A 639 -20.11 4.44 12.96
C HIS A 639 -18.94 4.38 11.98
N THR A 640 -17.78 4.83 12.44
CA THR A 640 -16.55 4.71 11.66
C THR A 640 -16.11 3.25 11.64
N MET A 641 -15.96 2.70 10.44
CA MET A 641 -15.65 1.28 10.27
C MET A 641 -14.42 1.08 9.39
N GLY A 642 -13.39 1.88 9.60
CA GLY A 642 -12.17 1.73 8.86
C GLY A 642 -11.18 2.86 9.04
N ALA A 643 -9.89 2.51 9.17
CA ALA A 643 -8.84 3.50 9.36
C ALA A 643 -7.60 3.00 8.65
N LEU A 644 -7.34 3.55 7.46
CA LEU A 644 -6.11 3.29 6.71
C LEU A 644 -5.33 4.60 6.68
N TYR A 645 -4.21 4.66 7.39
CA TYR A 645 -3.44 5.89 7.47
C TYR A 645 -2.50 6.01 6.28
N TRP A 646 -2.15 7.24 5.95
CA TRP A 646 -1.19 7.52 4.89
C TRP A 646 0.16 7.84 5.54
N GLN A 647 1.25 7.15 5.17
CA GLN A 647 1.29 6.04 4.23
C GLN A 647 2.07 4.89 4.87
N LEU A 648 2.23 3.79 4.15
CA LEU A 648 2.98 2.67 4.68
C LEU A 648 4.48 2.88 4.50
N ASN A 649 4.95 2.76 3.27
CA ASN A 649 6.37 2.65 2.96
C ASN A 649 6.86 3.87 2.20
N ASP A 650 8.17 3.92 2.01
CA ASP A 650 8.83 4.97 1.25
C ASP A 650 9.36 4.41 -0.06
N ILE A 651 9.36 5.27 -1.09
CA ILE A 651 9.97 4.91 -2.36
C ILE A 651 11.45 5.33 -2.41
N TRP A 652 11.87 6.24 -1.56
CA TRP A 652 13.27 6.62 -1.46
C TRP A 652 13.49 7.33 -0.12
N GLN A 653 14.72 7.72 0.15
CA GLN A 653 15.09 8.35 1.42
C GLN A 653 14.72 9.82 1.36
N ALA A 654 13.63 10.18 2.04
CA ALA A 654 13.14 11.56 2.05
C ALA A 654 12.06 11.69 3.12
N PRO A 655 11.67 12.91 3.50
CA PRO A 655 10.57 13.04 4.46
C PRO A 655 9.25 12.65 3.82
N SER A 656 8.47 11.85 4.54
CA SER A 656 7.21 11.35 4.02
C SER A 656 6.25 11.11 5.19
N TRP A 657 5.06 10.63 4.85
CA TRP A 657 4.05 10.23 5.82
C TRP A 657 4.20 8.77 6.22
N ALA A 658 5.22 8.09 5.73
CA ALA A 658 5.33 6.64 5.91
C ALA A 658 5.72 6.30 7.34
N SER A 659 5.59 5.01 7.66
CA SER A 659 6.12 4.44 8.88
C SER A 659 7.24 3.45 8.62
N LEU A 660 7.48 3.08 7.35
CA LEU A 660 8.57 2.20 6.96
C LEU A 660 9.51 3.01 6.07
N GLU A 661 10.72 3.25 6.55
CA GLU A 661 11.70 3.97 5.77
C GLU A 661 12.13 3.13 4.57
N TYR A 662 12.54 3.81 3.50
CA TYR A 662 13.04 3.09 2.33
C TYR A 662 14.17 2.17 2.75
N GLY A 663 13.93 0.87 2.59
CA GLY A 663 14.80 -0.15 3.16
C GLY A 663 14.11 -1.01 4.20
N GLY A 664 12.93 -0.63 4.67
CA GLY A 664 12.15 -1.44 5.57
C GLY A 664 12.28 -1.07 7.03
N LYS A 665 13.22 -0.19 7.39
CA LYS A 665 13.42 0.14 8.79
C LYS A 665 12.18 0.80 9.37
N TRP A 666 11.75 0.31 10.53
CA TRP A 666 10.54 0.82 11.16
C TRP A 666 10.78 2.22 11.72
N LYS A 667 9.93 3.16 11.32
CA LYS A 667 9.83 4.42 12.04
C LYS A 667 9.11 4.20 13.37
N MET A 668 9.13 5.22 14.22
CA MET A 668 8.46 5.09 15.50
C MET A 668 6.95 4.97 15.33
N LEU A 669 6.41 5.54 14.25
CA LEU A 669 4.98 5.39 13.98
C LEU A 669 4.59 3.92 13.87
N HIS A 670 5.38 3.14 13.13
CA HIS A 670 5.04 1.74 12.92
C HIS A 670 5.02 0.97 14.24
N TYR A 671 5.92 1.33 15.16
CA TYR A 671 5.90 0.69 16.48
C TYR A 671 4.61 1.02 17.22
N PHE A 672 4.08 2.22 17.04
CA PHE A 672 2.78 2.55 17.61
C PHE A 672 1.65 1.81 16.90
N ALA A 673 1.81 1.58 15.59
CA ALA A 673 0.76 0.90 14.83
C ALA A 673 0.45 -0.46 15.41
N ARG A 674 1.49 -1.25 15.73
CA ARG A 674 1.26 -2.55 16.34
C ARG A 674 0.49 -2.41 17.65
N ARG A 675 0.58 -1.25 18.30
CA ARG A 675 -0.10 -1.04 19.57
C ARG A 675 -1.55 -0.61 19.38
N PHE A 676 -1.79 0.42 18.56
CA PHE A 676 -3.15 0.92 18.40
C PHE A 676 -3.96 0.14 17.38
N PHE A 677 -3.43 -0.95 16.82
CA PHE A 677 -4.20 -1.85 15.96
C PHE A 677 -4.43 -3.21 16.61
N ALA A 678 -4.27 -3.29 17.93
CA ALA A 678 -4.46 -4.55 18.63
C ALA A 678 -5.92 -4.99 18.57
N PRO A 679 -6.19 -6.28 18.74
CA PRO A 679 -7.58 -6.75 18.73
C PRO A 679 -8.40 -6.24 19.90
N LEU A 680 -7.77 -5.72 20.95
CA LEU A 680 -8.48 -5.19 22.10
C LEU A 680 -7.55 -4.23 22.83
N LEU A 681 -7.94 -2.96 22.91
CA LEU A 681 -7.11 -1.97 23.57
C LEU A 681 -8.00 -0.87 24.14
N PRO A 682 -7.57 -0.20 25.21
CA PRO A 682 -8.33 0.97 25.68
C PRO A 682 -7.71 2.27 25.20
N VAL A 683 -8.54 3.19 24.71
CA VAL A 683 -8.09 4.50 24.25
C VAL A 683 -8.46 5.52 25.32
N GLY A 684 -7.54 6.45 25.57
CA GLY A 684 -7.73 7.48 26.59
C GLY A 684 -7.82 8.86 25.97
N PHE A 685 -8.72 9.67 26.49
CA PHE A 685 -8.89 11.05 26.04
C PHE A 685 -9.81 11.75 27.03
N GLU A 686 -9.87 13.07 26.92
CA GLU A 686 -10.72 13.89 27.76
C GLU A 686 -11.47 14.90 26.92
N ASP A 687 -12.65 15.28 27.39
CA ASP A 687 -13.52 16.23 26.70
C ASP A 687 -14.03 17.25 27.71
N GLU A 688 -13.52 18.47 27.63
CA GLU A 688 -13.93 19.56 28.52
C GLU A 688 -13.75 19.16 29.99
N GLY A 689 -12.56 18.67 30.30
CA GLY A 689 -12.20 18.41 31.69
C GLY A 689 -12.74 17.12 32.28
N VAL A 690 -13.09 16.14 31.45
CA VAL A 690 -13.54 14.85 31.92
C VAL A 690 -12.74 13.78 31.19
N PHE A 691 -11.97 12.99 31.93
CA PHE A 691 -11.14 11.95 31.35
C PHE A 691 -11.99 10.72 31.06
N TYR A 692 -12.10 10.36 29.78
CA TYR A 692 -12.84 9.19 29.35
C TYR A 692 -11.87 8.08 28.95
N VAL A 693 -12.35 6.84 29.00
CA VAL A 693 -11.60 5.68 28.56
C VAL A 693 -12.57 4.76 27.83
N TYR A 694 -12.40 4.65 26.52
CA TYR A 694 -13.17 3.70 25.72
C TYR A 694 -12.40 2.40 25.56
N GLY A 695 -13.14 1.33 25.31
CA GLY A 695 -12.56 0.03 25.04
C GLY A 695 -12.95 -0.48 23.67
N VAL A 696 -11.97 -0.61 22.78
CA VAL A 696 -12.21 -1.02 21.40
C VAL A 696 -11.97 -2.52 21.29
N SER A 697 -12.81 -3.19 20.50
CA SER A 697 -12.76 -4.63 20.35
C SER A 697 -12.81 -5.01 18.88
N ASP A 698 -11.96 -5.96 18.49
CA ASP A 698 -12.05 -6.62 17.19
C ASP A 698 -12.37 -8.10 17.34
N LEU A 699 -12.60 -8.57 18.56
CA LEU A 699 -12.90 -9.98 18.80
C LEU A 699 -14.30 -10.32 18.31
N HIS A 700 -14.55 -11.61 18.12
CA HIS A 700 -15.84 -12.09 17.64
C HIS A 700 -16.82 -12.37 18.77
N LYS A 701 -16.36 -12.45 20.01
CA LYS A 701 -17.25 -12.62 21.16
C LYS A 701 -16.89 -11.61 22.23
N ASP A 702 -17.86 -11.34 23.11
CA ASP A 702 -17.67 -10.35 24.15
C ASP A 702 -16.58 -10.80 25.12
N HIS A 703 -15.80 -9.83 25.60
CA HIS A 703 -14.65 -10.11 26.46
C HIS A 703 -14.92 -9.55 27.86
N HIS A 704 -14.74 -10.41 28.87
CA HIS A 704 -14.86 -10.00 30.27
C HIS A 704 -13.45 -9.89 30.83
N THR A 705 -13.02 -8.66 31.10
CA THR A 705 -11.66 -8.42 31.60
C THR A 705 -11.75 -7.34 32.67
N GLN A 706 -10.59 -6.74 33.00
CA GLN A 706 -10.50 -5.72 34.03
C GLN A 706 -9.74 -4.52 33.52
N LEU A 707 -10.11 -3.34 34.01
CA LEU A 707 -9.43 -2.09 33.71
C LEU A 707 -8.75 -1.56 34.96
N THR A 708 -7.55 -1.01 34.79
CA THR A 708 -6.79 -0.42 35.89
C THR A 708 -6.24 0.91 35.41
N VAL A 709 -6.59 1.99 36.11
CA VAL A 709 -6.10 3.34 35.79
C VAL A 709 -5.13 3.75 36.88
N ARG A 710 -3.97 4.28 36.47
CA ARG A 710 -2.92 4.67 37.40
C ARG A 710 -2.35 6.02 36.99
N LEU A 711 -1.85 6.75 37.97
CA LEU A 711 -1.16 8.02 37.74
C LEU A 711 0.25 7.93 38.32
N HIS A 712 1.16 8.71 37.75
CA HIS A 712 2.57 8.68 38.14
C HIS A 712 3.15 10.08 38.08
N HIS A 713 3.89 10.46 39.11
CA HIS A 713 4.68 11.68 39.08
C HIS A 713 6.00 11.41 38.38
N TRP A 714 6.43 12.35 37.54
CA TRP A 714 7.66 12.16 36.77
C TRP A 714 8.84 11.81 37.66
N SER A 715 8.80 12.22 38.92
CA SER A 715 9.93 11.99 39.81
C SER A 715 10.13 10.52 40.12
N SER A 716 9.05 9.82 40.49
CA SER A 716 9.14 8.41 40.86
C SER A 716 8.11 7.59 40.09
N PRO A 717 8.40 6.30 39.84
CA PRO A 717 7.46 5.48 39.06
C PRO A 717 6.43 4.74 39.90
N LYS A 718 6.13 5.23 41.13
CA LYS A 718 5.17 4.47 41.93
C LYS A 718 3.78 5.10 41.87
N PRO A 719 2.74 4.30 41.68
CA PRO A 719 1.41 4.84 41.39
C PRO A 719 0.80 5.52 42.61
N LEU A 720 0.44 6.79 42.44
CA LEU A 720 -0.40 7.48 43.41
C LEU A 720 -1.87 7.13 43.28
N CYS A 721 -2.21 6.18 42.40
CA CYS A 721 -3.59 5.82 42.14
C CYS A 721 -3.62 4.46 41.45
N SER A 722 -4.62 3.66 41.79
CA SER A 722 -4.80 2.34 41.19
C SER A 722 -6.30 2.04 41.12
N LEU A 723 -7.04 2.88 40.41
CA LEU A 723 -8.48 2.70 40.27
C LEU A 723 -8.77 1.52 39.35
N VAL A 724 -9.37 0.46 39.92
CA VAL A 724 -9.66 -0.76 39.19
C VAL A 724 -11.17 -0.97 39.16
N ASN A 725 -11.68 -1.44 38.03
CA ASN A 725 -13.09 -1.76 37.87
C ASN A 725 -13.20 -3.20 37.37
N SER A 726 -13.88 -4.04 38.14
CA SER A 726 -13.96 -5.47 37.83
C SER A 726 -15.14 -5.84 36.94
N SER A 727 -16.11 -4.95 36.77
CA SER A 727 -17.28 -5.23 35.94
C SER A 727 -17.11 -4.55 34.58
N ILE A 728 -16.17 -5.10 33.81
CA ILE A 728 -15.84 -4.57 32.49
C ILE A 728 -16.16 -5.64 31.45
N VAL A 729 -17.10 -5.33 30.56
CA VAL A 729 -17.41 -6.17 29.41
C VAL A 729 -17.43 -5.28 28.18
N VAL A 730 -16.73 -5.71 27.13
CA VAL A 730 -16.67 -4.97 25.88
C VAL A 730 -17.38 -5.82 24.82
N LYS A 731 -18.42 -5.24 24.21
CA LYS A 731 -19.17 -5.96 23.19
C LYS A 731 -18.24 -6.39 22.05
N ALA A 732 -18.68 -7.43 21.33
CA ALA A 732 -17.86 -7.98 20.26
C ALA A 732 -17.77 -6.99 19.11
N GLY A 733 -16.53 -6.68 18.71
CA GLY A 733 -16.29 -5.80 17.59
C GLY A 733 -16.76 -4.38 17.77
N GLU A 734 -17.09 -3.96 19.00
CA GLU A 734 -17.63 -2.64 19.26
C GLU A 734 -16.66 -1.82 20.11
N ALA A 735 -17.04 -0.58 20.36
CA ALA A 735 -16.27 0.34 21.20
C ALA A 735 -17.23 1.08 22.10
N VAL A 736 -16.95 1.07 23.41
CA VAL A 736 -17.82 1.67 24.40
C VAL A 736 -16.98 2.30 25.50
N VAL A 737 -17.51 3.37 26.09
CA VAL A 737 -16.85 4.00 27.23
C VAL A 737 -16.89 3.06 28.42
N LEU A 738 -15.80 3.04 29.20
CA LEU A 738 -15.70 2.18 30.36
C LEU A 738 -15.26 2.92 31.62
N PHE A 739 -14.96 4.22 31.52
CA PHE A 739 -14.48 4.98 32.65
C PHE A 739 -14.75 6.45 32.40
N GLN A 740 -15.22 7.15 33.43
CA GLN A 740 -15.59 8.56 33.29
C GLN A 740 -15.33 9.26 34.62
N MET A 741 -14.50 10.29 34.59
CA MET A 741 -14.15 10.99 35.82
C MET A 741 -13.58 12.37 35.49
N PRO A 742 -14.02 13.43 36.16
CA PRO A 742 -13.46 14.76 35.90
C PRO A 742 -11.96 14.80 36.19
N VAL A 743 -11.31 15.82 35.62
CA VAL A 743 -9.87 15.98 35.80
C VAL A 743 -9.56 16.42 37.23
N SER A 744 -10.18 17.51 37.68
CA SER A 744 -9.89 18.02 39.02
C SER A 744 -10.30 17.01 40.09
N GLU A 745 -11.42 16.32 39.86
CA GLU A 745 -11.80 15.23 40.76
C GLU A 745 -10.76 14.13 40.73
N LEU A 746 -10.37 13.68 39.55
CA LEU A 746 -9.37 12.61 39.44
C LEU A 746 -8.05 13.03 40.07
N LEU A 747 -7.71 14.32 40.01
CA LEU A 747 -6.50 14.80 40.66
C LEU A 747 -6.63 14.73 42.18
N LYS A 748 -7.82 14.98 42.71
CA LYS A 748 -8.04 14.85 44.15
C LYS A 748 -7.93 13.39 44.59
N ARG A 749 -8.28 12.45 43.73
CA ARG A 749 -8.09 11.04 44.04
C ARG A 749 -6.63 10.66 44.11
N CYS A 750 -5.77 11.42 43.42
CA CYS A 750 -4.34 11.13 43.35
C CYS A 750 -3.59 12.37 43.82
N ARG A 751 -3.69 12.65 45.13
CA ARG A 751 -3.08 13.85 45.69
C ARG A 751 -1.60 13.92 45.33
N GLY A 752 -1.11 15.14 45.15
CA GLY A 752 0.24 15.34 44.69
C GLY A 752 0.40 15.27 43.19
N CYS A 753 -0.68 15.48 42.43
CA CYS A 753 -0.64 15.40 40.97
C CYS A 753 -1.20 16.69 40.37
N THR A 754 -0.62 17.06 39.23
CA THR A 754 -1.08 18.21 38.45
C THR A 754 -1.15 17.80 36.99
N ARG A 755 -1.88 18.59 36.20
CA ARG A 755 -1.82 18.41 34.76
C ARG A 755 -0.38 18.40 34.25
N GLU A 756 0.50 19.17 34.92
CA GLU A 756 1.84 19.41 34.43
C GLU A 756 2.90 18.63 35.20
N THR A 757 2.50 17.65 36.01
CA THR A 757 3.45 16.92 36.84
C THR A 757 3.24 15.41 36.77
N CYS A 758 2.00 14.97 36.52
CA CYS A 758 1.68 13.55 36.47
C CYS A 758 1.24 13.15 35.07
N VAL A 759 1.22 11.84 34.83
CA VAL A 759 0.81 11.26 33.55
C VAL A 759 -0.04 10.02 33.85
N VAL A 760 -1.09 9.84 33.05
CA VAL A 760 -2.06 8.77 33.27
C VAL A 760 -1.60 7.51 32.56
N SER A 761 -1.90 6.36 33.17
CA SER A 761 -1.61 5.07 32.60
C SER A 761 -2.78 4.12 32.86
N PHE A 762 -3.07 3.28 31.88
CA PHE A 762 -4.17 2.32 32.03
C PHE A 762 -3.91 1.12 31.12
N TYR A 763 -4.49 -0.02 31.52
CA TYR A 763 -4.22 -1.28 30.83
C TYR A 763 -5.36 -2.25 31.10
N PHE A 764 -5.45 -3.26 30.23
CA PHE A 764 -6.36 -4.37 30.42
C PHE A 764 -5.62 -5.55 31.07
N SER A 765 -6.40 -6.57 31.44
CA SER A 765 -5.85 -7.78 32.03
C SER A 765 -5.47 -8.74 30.91
N THR A 766 -4.17 -8.97 30.75
CA THR A 766 -3.70 -9.85 29.69
C THR A 766 -4.37 -11.22 29.79
N ASP A 767 -4.72 -11.77 28.63
CA ASP A 767 -5.36 -13.09 28.56
C ASP A 767 -4.38 -14.18 28.15
N LYS A 768 -3.08 -13.87 28.07
CA LYS A 768 -2.06 -14.81 27.65
C LYS A 768 -2.22 -15.20 26.17
N GLU A 769 -3.45 -15.50 25.75
CA GLU A 769 -3.76 -15.78 24.36
C GLU A 769 -4.38 -14.58 23.65
N LEU A 770 -4.30 -13.39 24.24
CA LEU A 770 -4.81 -12.17 23.62
C LEU A 770 -3.83 -11.04 23.87
N PHE A 771 -3.53 -10.29 22.81
CA PHE A 771 -2.59 -9.18 22.88
C PHE A 771 -3.36 -7.89 23.16
N SER A 772 -3.00 -7.22 24.26
CA SER A 772 -3.65 -5.97 24.66
C SER A 772 -2.59 -5.11 25.34
N PRO A 773 -2.02 -4.14 24.63
CA PRO A 773 -0.92 -3.36 25.22
C PRO A 773 -1.40 -2.35 26.25
N THR A 774 -0.46 -1.65 26.87
CA THR A 774 -0.80 -0.54 27.74
C THR A 774 -1.08 0.71 26.92
N ASN A 775 -1.52 1.77 27.60
CA ASN A 775 -1.83 3.03 26.95
C ASN A 775 -1.69 4.15 27.95
N TYR A 776 -1.38 5.35 27.45
CA TYR A 776 -1.11 6.49 28.29
C TYR A 776 -1.88 7.71 27.79
N HIS A 777 -1.88 8.76 28.62
CA HIS A 777 -2.52 10.02 28.29
C HIS A 777 -1.77 11.14 28.98
N PHE A 778 -1.55 12.24 28.27
CA PHE A 778 -0.82 13.38 28.77
C PHE A 778 -1.80 14.47 29.19
N LEU A 779 -1.78 14.82 30.49
CA LEU A 779 -2.63 15.89 30.99
C LEU A 779 -2.15 17.28 30.55
N SER A 780 -0.94 17.38 30.02
CA SER A 780 -0.42 18.66 29.55
C SER A 780 0.70 18.39 28.56
N SER A 781 1.08 19.44 27.84
CA SER A 781 2.21 19.34 26.92
C SER A 781 3.47 18.98 27.69
N LEU A 782 4.31 18.15 27.07
CA LEU A 782 5.57 17.77 27.72
C LEU A 782 6.55 18.93 27.76
N LYS A 783 6.38 19.94 26.91
CA LYS A 783 7.21 21.13 27.01
C LYS A 783 6.84 21.99 28.21
N ASP A 784 5.64 21.81 28.76
CA ASP A 784 5.21 22.49 29.97
C ASP A 784 5.32 21.59 31.20
N ALA A 785 5.88 20.39 31.05
CA ALA A 785 5.99 19.47 32.17
C ALA A 785 6.96 20.00 33.22
N LYS A 786 6.81 19.48 34.44
CA LYS A 786 7.64 19.89 35.57
C LYS A 786 7.95 18.68 36.42
N GLY A 787 9.16 18.64 36.98
CA GLY A 787 9.62 17.49 37.71
C GLY A 787 10.10 16.36 36.83
N LEU A 788 10.35 16.64 35.55
CA LEU A 788 10.76 15.61 34.59
C LEU A 788 12.28 15.48 34.64
N LEU A 789 12.76 14.61 35.54
CA LEU A 789 14.19 14.37 35.65
C LEU A 789 14.71 13.71 34.38
N GLU A 790 15.87 14.17 33.92
CA GLU A 790 16.46 13.62 32.70
C GLU A 790 16.85 12.17 32.92
N ALA A 791 16.37 11.29 32.06
CA ALA A 791 16.66 9.88 32.20
C ALA A 791 18.11 9.58 31.81
N ASN A 792 18.58 8.41 32.24
CA ASN A 792 19.96 7.98 32.03
C ASN A 792 19.91 6.46 31.89
N ILE A 793 19.65 6.01 30.67
CA ILE A 793 19.26 4.63 30.40
C ILE A 793 20.51 3.80 30.14
N THR A 794 20.63 2.69 30.85
CA THR A 794 21.72 1.73 30.66
C THR A 794 21.15 0.49 29.98
N VAL A 795 21.86 0.01 28.96
CA VAL A 795 21.40 -1.12 28.16
C VAL A 795 22.42 -2.24 28.26
N ASN A 796 21.93 -3.48 28.27
CA ASN A 796 22.78 -4.67 28.28
C ASN A 796 22.28 -5.62 27.21
N ILE A 797 23.11 -5.86 26.19
CA ILE A 797 22.75 -6.71 25.08
C ILE A 797 23.21 -8.13 25.37
N SER A 798 22.34 -9.09 25.08
CA SER A 798 22.67 -10.50 25.23
C SER A 798 21.94 -11.28 24.15
N GLN A 799 22.62 -12.28 23.60
CA GLN A 799 22.05 -13.12 22.55
C GLN A 799 21.34 -14.32 23.17
N LYS A 800 20.19 -14.67 22.59
CA LYS A 800 19.41 -15.82 23.05
C LYS A 800 18.78 -16.45 21.80
N GLY A 801 19.52 -17.35 21.16
CA GLY A 801 19.06 -17.97 19.94
C GLY A 801 19.28 -17.10 18.73
N ASN A 802 18.28 -17.01 17.85
CA ASN A 802 18.34 -16.12 16.71
C ASN A 802 17.83 -14.72 17.04
N VAL A 803 17.55 -14.44 18.32
CA VAL A 803 17.06 -13.14 18.75
C VAL A 803 18.07 -12.57 19.74
N PHE A 804 18.01 -11.26 19.94
CA PHE A 804 18.86 -10.56 20.89
C PHE A 804 17.99 -9.92 21.97
N VAL A 805 18.49 -9.94 23.20
CA VAL A 805 17.79 -9.37 24.34
C VAL A 805 18.38 -8.01 24.66
N PHE A 806 17.51 -7.06 25.03
CA PHE A 806 17.93 -5.71 25.40
C PHE A 806 17.34 -5.40 26.77
N ASP A 807 18.16 -5.55 27.81
CA ASP A 807 17.74 -5.23 29.17
C ASP A 807 18.12 -3.78 29.48
N LEU A 808 17.16 -3.03 30.02
CA LEU A 808 17.32 -1.59 30.21
C LEU A 808 17.12 -1.22 31.67
N GLU A 809 17.74 -0.10 32.06
CA GLU A 809 17.52 0.49 33.38
C GLU A 809 17.61 2.00 33.23
N THR A 810 16.56 2.70 33.65
CA THR A 810 16.48 4.15 33.51
C THR A 810 16.54 4.82 34.87
N SER A 811 17.07 6.05 34.89
CA SER A 811 17.18 6.82 36.11
C SER A 811 15.85 7.38 36.58
N ALA A 812 14.82 7.37 35.74
CA ALA A 812 13.51 7.88 36.09
C ALA A 812 12.57 7.56 34.92
N VAL A 813 11.36 8.11 34.97
CA VAL A 813 10.39 7.89 33.90
C VAL A 813 10.89 8.58 32.64
N ALA A 814 11.17 7.79 31.61
CA ALA A 814 11.69 8.30 30.34
C ALA A 814 10.61 8.28 29.29
N PRO A 815 10.17 9.42 28.75
CA PRO A 815 9.19 9.39 27.66
C PRO A 815 9.82 9.16 26.30
N PHE A 816 9.15 8.35 25.49
CA PHE A 816 9.57 8.08 24.11
C PHE A 816 11.01 7.57 24.07
N VAL A 817 11.24 6.43 24.71
CA VAL A 817 12.53 5.77 24.60
C VAL A 817 12.68 5.20 23.19
N TRP A 818 13.79 5.53 22.54
CA TRP A 818 14.03 5.15 21.16
C TRP A 818 15.32 4.35 21.05
N LEU A 819 15.20 3.10 20.61
CA LEU A 819 16.34 2.23 20.40
C LEU A 819 16.67 2.18 18.92
N ASP A 820 17.95 2.36 18.59
CA ASP A 820 18.39 2.45 17.21
C ASP A 820 19.74 1.75 17.07
N VAL A 821 19.84 0.83 16.12
CA VAL A 821 21.07 0.10 15.87
C VAL A 821 21.53 0.35 14.44
N GLY A 822 21.26 1.54 13.93
CA GLY A 822 21.75 1.91 12.62
C GLY A 822 21.12 1.08 11.51
N SER A 823 21.91 0.85 10.47
CA SER A 823 21.45 0.15 9.27
C SER A 823 21.42 -1.37 9.44
N ILE A 824 21.68 -1.88 10.65
CA ILE A 824 21.61 -3.31 10.91
C ILE A 824 20.18 -3.77 10.63
N PRO A 825 19.93 -4.54 9.57
CA PRO A 825 18.54 -4.92 9.24
C PRO A 825 17.86 -5.65 10.38
N GLY A 826 16.67 -5.17 10.73
CA GLY A 826 15.89 -5.75 11.80
C GLY A 826 14.98 -4.71 12.40
N ARG A 827 14.29 -5.12 13.47
CA ARG A 827 13.44 -4.19 14.20
C ARG A 827 13.23 -4.75 15.61
N PHE A 828 12.81 -3.88 16.51
CA PHE A 828 12.64 -4.22 17.91
C PHE A 828 11.22 -4.72 18.19
N SER A 829 11.06 -5.37 19.34
CA SER A 829 9.75 -5.84 19.76
C SER A 829 8.85 -4.70 20.21
N ASP A 830 9.43 -3.56 20.58
CA ASP A 830 8.67 -2.39 21.00
C ASP A 830 9.62 -1.20 21.05
N ASN A 831 9.13 -0.03 20.68
CA ASN A 831 9.98 1.15 20.63
C ASN A 831 9.11 2.40 20.76
N GLY A 832 9.73 3.49 21.20
CA GLY A 832 9.02 4.73 21.42
C GLY A 832 8.05 4.71 22.57
N PHE A 833 8.12 3.69 23.42
CA PHE A 833 7.19 3.54 24.53
C PHE A 833 7.48 4.55 25.64
N LEU A 834 6.45 4.82 26.43
CA LEU A 834 6.58 5.64 27.65
C LEU A 834 7.02 4.71 28.77
N MET A 835 8.30 4.78 29.12
CA MET A 835 8.90 3.82 30.05
C MET A 835 8.64 4.30 31.47
N ILE A 836 7.61 3.72 32.11
CA ILE A 836 7.34 4.00 33.51
C ILE A 836 8.24 3.14 34.40
N ARG A 837 8.28 1.84 34.15
CA ARG A 837 9.10 0.94 34.93
C ARG A 837 10.57 1.37 34.88
N LYS A 838 11.34 0.89 35.85
CA LYS A 838 12.76 1.15 35.89
C LYS A 838 13.57 0.13 35.11
N LYS A 839 13.05 -1.09 34.94
CA LYS A 839 13.74 -2.14 34.19
C LYS A 839 12.77 -2.72 33.17
N LEU A 840 13.13 -2.61 31.89
CA LEU A 840 12.34 -3.16 30.80
C LEU A 840 13.23 -3.98 29.88
N SER A 841 12.64 -5.00 29.27
CA SER A 841 13.35 -5.87 28.35
C SER A 841 12.60 -5.94 27.02
N VAL A 842 13.29 -5.63 25.93
CA VAL A 842 12.73 -5.76 24.59
C VAL A 842 13.69 -6.60 23.75
N LEU A 843 13.16 -7.20 22.70
CA LEU A 843 13.92 -8.07 21.81
C LEU A 843 14.23 -7.35 20.50
N PHE A 844 15.15 -7.95 19.74
CA PHE A 844 15.53 -7.46 18.42
C PHE A 844 15.53 -8.64 17.46
N TYR A 845 14.79 -8.50 16.36
CA TYR A 845 14.67 -9.58 15.38
C TYR A 845 15.53 -9.26 14.16
N PRO A 846 16.68 -9.90 13.98
CA PRO A 846 17.49 -9.61 12.80
C PRO A 846 16.83 -10.07 11.52
N TRP A 847 17.10 -9.34 10.44
CA TRP A 847 16.69 -9.74 9.09
C TRP A 847 17.84 -10.33 8.29
N LYS A 848 19.07 -10.10 8.73
CA LYS A 848 20.27 -10.74 8.20
C LYS A 848 21.13 -11.18 9.38
N PRO A 849 22.11 -12.05 9.15
CA PRO A 849 22.98 -12.47 10.26
C PRO A 849 23.68 -11.27 10.89
N THR A 850 23.60 -11.19 12.22
CA THR A 850 24.28 -10.14 12.97
C THR A 850 24.82 -10.73 14.26
N SER A 851 25.86 -10.09 14.79
CA SER A 851 26.57 -10.57 15.96
C SER A 851 26.28 -9.65 17.15
N LYS A 852 26.81 -10.06 18.31
CA LYS A 852 26.66 -9.26 19.52
C LYS A 852 27.46 -7.96 19.43
N SER A 853 28.61 -7.99 18.77
CA SER A 853 29.49 -6.82 18.70
C SER A 853 28.98 -5.81 17.68
N GLU A 854 28.45 -6.28 16.55
CA GLU A 854 27.91 -5.36 15.55
C GLU A 854 26.80 -4.49 16.15
N LEU A 855 25.86 -5.11 16.86
CA LEU A 855 24.80 -4.36 17.52
C LEU A 855 25.38 -3.47 18.62
N GLN A 856 26.30 -4.01 19.42
CA GLN A 856 26.89 -3.25 20.52
C GLN A 856 27.53 -1.96 20.00
N GLN A 857 28.19 -2.03 18.84
CA GLN A 857 28.96 -0.90 18.36
C GLN A 857 28.08 0.19 17.75
N ALA A 858 27.01 -0.20 17.06
CA ALA A 858 26.14 0.75 16.38
C ALA A 858 24.92 1.14 17.20
N PHE A 859 24.84 0.72 18.45
CA PHE A 859 23.67 0.98 19.28
C PHE A 859 23.67 2.42 19.78
N SER A 860 22.47 2.90 20.10
CA SER A 860 22.30 4.22 20.72
C SER A 860 20.85 4.40 21.19
N VAL A 861 20.67 4.75 22.47
CA VAL A 861 19.35 4.95 23.04
C VAL A 861 19.10 6.45 23.18
N THR A 862 17.83 6.83 23.14
CA THR A 862 17.43 8.23 23.18
C THR A 862 16.09 8.35 23.91
N SER A 863 16.01 9.34 24.79
CA SER A 863 14.76 9.71 25.46
C SER A 863 14.48 11.18 25.17
N LEU A 864 13.29 11.63 25.58
CA LEU A 864 12.84 12.97 25.23
C LEU A 864 13.75 14.04 25.83
N THR A 865 14.14 13.87 27.10
CA THR A 865 14.93 14.90 27.77
C THR A 865 16.27 15.12 27.11
N ASP A 866 16.77 14.13 26.36
CA ASP A 866 18.06 14.27 25.68
C ASP A 866 18.03 15.28 24.55
N THR A 867 16.86 15.79 24.18
CA THR A 867 16.75 16.70 23.03
C THR A 867 17.03 18.14 23.39
N TYR A 868 16.89 18.52 24.66
CA TYR A 868 17.15 19.90 25.08
C TYR A 868 18.03 19.94 26.33
C1 NAG B . 16.33 -2.87 -42.25
C2 NAG B . 17.54 -2.66 -43.18
C3 NAG B . 17.46 -1.30 -43.86
C4 NAG B . 16.12 -1.13 -44.56
C5 NAG B . 14.97 -1.38 -43.57
C6 NAG B . 13.61 -1.35 -44.22
C7 NAG B . 19.38 -3.98 -42.23
C8 NAG B . 20.67 -3.93 -41.48
N2 NAG B . 18.79 -2.80 -42.46
O3 NAG B . 18.51 -1.16 -44.80
O4 NAG B . 15.99 0.19 -45.08
O5 NAG B . 15.12 -2.69 -42.98
O6 NAG B . 12.63 -1.98 -43.41
O7 NAG B . 18.89 -5.03 -42.62
H2 NAG B . 17.50 -3.34 -43.87
H3 NAG B . 17.54 -0.60 -43.17
H4 NAG B . 16.05 -1.77 -45.29
H5 NAG B . 15.00 -0.71 -42.86
H61 NAG B . 13.65 -1.82 -45.08
H62 NAG B . 13.34 -0.42 -44.38
H81 NAG B . 21.01 -4.84 -41.37
H82 NAG B . 20.52 -3.54 -40.60
H83 NAG B . 21.32 -3.39 -41.96
HN2 NAG B . 19.19 -2.04 -42.14
HO3 NAG B . 18.47 -0.35 -45.18
HO4 NAG B . 15.36 0.20 -45.71
C1 FUC B . 11.85 -0.96 -42.75
C2 FUC B . 10.57 -1.62 -42.17
C3 FUC B . 10.93 -2.60 -41.05
C4 FUC B . 11.78 -1.89 -39.99
C5 FUC B . 12.99 -1.21 -40.64
C6 FUC B . 13.80 -0.37 -39.68
O2 FUC B . 9.80 -2.26 -43.18
O3 FUC B . 9.74 -3.05 -40.41
O4 FUC B . 11.00 -0.92 -39.30
O5 FUC B . 12.60 -0.35 -41.73
H2 FUC B . 9.95 -0.82 -41.75
H3 FUC B . 11.49 -3.44 -41.47
H4 FUC B . 12.16 -2.65 -39.28
H5 FUC B . 13.63 -2.02 -41.06
H61 FUC B . 14.65 0.10 -40.20
H62 FUC B . 14.18 -0.98 -38.85
H63 FUC B . 13.18 0.43 -39.26
HO2 FUC B . 10.43 -2.48 -43.89
HO3 FUC B . 9.44 -2.34 -39.83
HO4 FUC B . 10.67 -1.38 -38.52
C1 NAG C . -1.39 -27.75 -2.79
C2 NAG C . -1.03 -28.82 -1.77
C3 NAG C . 0.25 -28.43 -1.02
C4 NAG C . 1.37 -28.14 -2.01
C5 NAG C . 0.91 -27.10 -3.04
C6 NAG C . 1.93 -26.87 -4.14
C7 NAG C . -2.82 -30.18 -0.79
C8 NAG C . -3.90 -30.24 0.26
N2 NAG C . -2.12 -29.05 -0.83
O3 NAG C . 0.63 -29.49 -0.15
O4 NAG C . 2.50 -27.62 -1.31
O5 NAG C . -0.29 -27.54 -3.69
O6 NAG C . 1.92 -25.53 -4.59
O7 NAG C . -2.61 -31.11 -1.56
H2 NAG C . -0.86 -29.66 -2.24
H3 NAG C . 0.08 -27.63 -0.50
H4 NAG C . 1.62 -28.96 -2.47
H5 NAG C . 0.74 -26.26 -2.58
H61 NAG C . 1.73 -27.46 -4.89
H62 NAG C . 2.82 -27.09 -3.80
H81 NAG C . -4.36 -31.10 0.20
H82 NAG C . -4.55 -29.52 0.10
H83 NAG C . -3.51 -30.14 1.14
HN2 NAG C . -2.31 -28.39 -0.23
HO3 NAG C . 1.51 -29.61 -0.21
HO6 NAG C . 2.50 -25.43 -5.25
C1 NAG C . 3.67 -28.45 -1.48
C2 NAG C . 4.90 -27.57 -1.28
C3 NAG C . 6.18 -28.41 -1.36
C4 NAG C . 6.10 -29.60 -0.41
C5 NAG C . 4.84 -30.39 -0.68
C6 NAG C . 4.65 -31.55 0.28
C7 NAG C . 4.54 -25.24 -1.98
C8 NAG C . 4.66 -24.26 -3.10
N2 NAG C . 4.95 -26.49 -2.25
O3 NAG C . 7.30 -27.60 -1.04
O4 NAG C . 7.24 -30.43 -0.58
O5 NAG C . 3.69 -29.55 -0.55
O6 NAG C . 3.39 -31.46 0.96
O7 NAG C . 4.10 -24.93 -0.87
H2 NAG C . 4.86 -27.18 -0.38
H3 NAG C . 6.28 -28.74 -2.28
H4 NAG C . 6.08 -29.27 0.51
H5 NAG C . 4.87 -30.75 -1.59
H61 NAG C . 5.37 -31.53 0.94
H62 NAG C . 4.68 -32.38 -0.21
H81 NAG C . 4.33 -23.38 -2.80
H82 NAG C . 4.11 -24.56 -3.85
H83 NAG C . 5.59 -24.19 -3.37
HN2 NAG C . 5.27 -26.67 -3.08
HO3 NAG C . 8.04 -28.09 -1.06
HO4 NAG C . 7.50 -30.75 0.21
HO6 NAG C . 3.04 -30.65 0.83
C1 NAG D . 24.53 8.06 33.88
C2 NAG D . 25.41 8.89 34.80
C3 NAG D . 26.84 8.39 34.74
C4 NAG D . 26.89 6.91 35.07
C5 NAG D . 25.92 6.11 34.19
C6 NAG D . 25.79 4.68 34.62
C7 NAG D . 25.77 10.83 33.32
C8 NAG D . 25.62 12.31 33.17
N2 NAG D . 25.34 10.30 34.48
O3 NAG D . 27.64 9.12 35.66
O4 NAG D . 28.21 6.40 34.88
O5 NAG D . 24.61 6.69 34.25
O6 NAG D . 25.18 4.59 35.89
O7 NAG D . 26.25 10.13 32.44
H2 NAG D . 25.09 8.77 35.72
H3 NAG D . 27.20 8.53 33.84
H4 NAG D . 26.64 6.78 36.01
H5 NAG D . 26.24 6.15 33.27
H61 NAG D . 26.67 4.26 34.65
H62 NAG D . 25.24 4.19 33.96
H81 NAG D . 25.96 12.59 32.30
H82 NAG D . 26.12 12.76 33.88
H83 NAG D . 24.67 12.55 33.24
HN2 NAG D . 24.98 10.88 35.10
HO3 NAG D . 28.29 8.60 35.97
C1 FUC D . 25.25 3.24 36.39
C2 FUC D . 25.59 3.30 37.89
C3 FUC D . 24.47 4.04 38.63
C4 FUC D . 23.12 3.36 38.38
C5 FUC D . 22.88 3.13 36.87
C6 FUC D . 21.72 2.19 36.59
O2 FUC D . 26.85 3.92 38.14
O3 FUC D . 24.71 4.00 40.04
O4 FUC D . 23.06 2.12 39.06
O5 FUC D . 24.03 2.56 36.20
H2 FUC D . 25.64 2.29 38.27
H3 FUC D . 24.43 5.09 38.28
H4 FUC D . 22.31 4.03 38.73
H5 FUC D . 22.69 4.12 36.42
H61 FUC D . 21.61 2.05 35.51
H62 FUC D . 20.80 2.60 36.99
H63 FUC D . 21.91 1.21 37.04
HO2 FUC D . 26.96 3.90 39.10
HO3 FUC D . 24.32 3.17 40.34
HO4 FUC D . 22.13 2.03 39.33
CA CA E . -17.56 11.33 1.60
C1 NAG F . 13.69 10.50 -29.02
C2 NAG F . 14.54 11.72 -29.40
C3 NAG F . 13.66 12.87 -29.86
C4 NAG F . 12.71 12.41 -30.97
C5 NAG F . 11.91 11.21 -30.49
C6 NAG F . 11.00 10.64 -31.55
C7 NAG F . 16.71 12.09 -28.28
C8 NAG F . 17.38 12.59 -27.04
N2 NAG F . 15.36 12.14 -28.28
O3 NAG F . 14.48 13.94 -30.34
O4 NAG F . 11.83 13.46 -31.33
O5 NAG F . 12.81 10.16 -30.11
O6 NAG F . 11.73 9.94 -32.54
O7 NAG F . 17.34 11.67 -29.25
H2 NAG F . 15.13 11.47 -30.13
H3 NAG F . 13.13 13.19 -29.11
H4 NAG F . 13.24 12.15 -31.75
H5 NAG F . 11.37 11.48 -29.71
H61 NAG F . 10.50 11.38 -31.97
H62 NAG F . 10.37 10.03 -31.13
H81 NAG F . 18.35 12.51 -27.15
H82 NAG F . 17.10 12.05 -26.29
H83 NAG F . 17.15 13.52 -26.89
HN2 NAG F . 14.96 12.47 -27.53
HO3 NAG F . 14.05 14.37 -30.98
HO4 NAG F . 11.60 13.38 -32.19
HO6 NAG F . 12.47 9.60 -32.18
C1 NAG G . -9.07 -22.55 11.42
C2 NAG G . -10.16 -23.62 11.54
C3 NAG G . -10.05 -24.33 12.89
C4 NAG G . -8.65 -24.87 13.10
C5 NAG G . -7.63 -23.75 12.90
C6 NAG G . -6.20 -24.23 12.99
C7 NAG G . -12.38 -23.49 10.50
C8 NAG G . -13.69 -22.75 10.47
N2 NAG G . -11.49 -23.03 11.38
O3 NAG G . -11.00 -25.40 12.94
O4 NAG G . -8.52 -25.39 14.42
O5 NAG G . -7.79 -23.16 11.61
O6 NAG G . -5.40 -23.36 13.79
O7 NAG G . -12.15 -24.44 9.77
H2 NAG G . -10.03 -24.28 10.83
H3 NAG G . -10.26 -23.69 13.60
H4 NAG G . -8.47 -25.57 12.45
H5 NAG G . -7.77 -23.06 13.59
H61 NAG G . -5.82 -24.26 12.09
H62 NAG G . -6.18 -25.12 13.38
H81 NAG G . -14.28 -23.16 9.80
H82 NAG G . -13.54 -21.81 10.24
H83 NAG G . -14.11 -22.80 11.34
HN2 NAG G . -11.71 -22.31 11.90
HO3 NAG G . -10.94 -25.80 13.74
HO4 NAG G . -7.88 -26.00 14.43
HO6 NAG G . -4.57 -23.67 13.84
C1 NAG H . 25.59 11.27 -27.61
C2 NAG H . 26.95 11.88 -27.90
C3 NAG H . 27.63 12.29 -26.61
C4 NAG H . 26.73 13.23 -25.82
C5 NAG H . 25.34 12.62 -25.62
C6 NAG H . 24.36 13.57 -24.99
C7 NAG H . 27.95 11.03 -29.97
C8 NAG H . 28.84 9.99 -30.59
N2 NAG H . 27.78 10.95 -28.65
O3 NAG H . 28.87 12.92 -26.89
O4 NAG H . 27.30 13.50 -24.54
O5 NAG H . 24.78 12.22 -26.89
O6 NAG H . 24.65 13.79 -23.62
O7 NAG H . 27.40 11.90 -30.64
H2 NAG H . 26.82 12.68 -28.44
H3 NAG H . 27.80 11.49 -26.06
H4 NAG H . 26.63 14.07 -26.30
H5 NAG H . 25.42 11.83 -25.06
H61 NAG H . 23.45 13.20 -25.07
H62 NAG H . 24.38 14.41 -25.46
H81 NAG H . 28.89 10.13 -31.56
H82 NAG H . 28.47 9.10 -30.41
H83 NAG H . 29.74 10.06 -30.20
HN2 NAG H . 28.21 10.29 -28.19
HO3 NAG H . 29.29 13.10 -26.13
HO4 NAG H . 26.66 13.71 -23.97
HO6 NAG H . 24.07 14.37 -23.28
C1 BMA I . -2.88 11.02 -1.45
C2 BMA I . -1.51 11.01 -2.07
C3 BMA I . -0.57 11.78 -1.14
C4 BMA I . -1.12 13.18 -0.79
C5 BMA I . -2.63 13.16 -0.43
C6 BMA I . -3.27 14.55 -0.48
O1 BMA I . -3.73 10.31 -2.31
O2 BMA I . -1.51 11.70 -3.30
O3 BMA I . 0.73 11.89 -1.71
O4 BMA I . -0.39 13.68 0.33
O5 BMA I . -3.37 12.33 -1.36
O6 BMA I . -3.07 15.09 -1.79
H1 BMA I . -2.84 10.56 -0.44
H2 BMA I . -1.16 9.98 -2.19
H3 BMA I . -0.44 11.22 -0.21
H4 BMA I . -0.98 13.83 -1.66
H5 BMA I . -2.76 12.77 0.59
H61 BMA I . -4.34 14.45 -0.24
H62 BMA I . -2.80 15.16 0.29
HO1 BMA I . -3.98 9.50 -1.85
HO2 BMA I . -1.84 11.06 -3.96
HO3 BMA I . 1.13 12.66 -1.25
HO4 BMA I . -0.87 14.45 0.63
HO6 BMA I . -3.43 15.98 -1.80
C1 EDO J . 0.49 15.29 -6.79
O1 EDO J . 1.50 14.82 -7.69
C2 EDO J . 1.02 15.31 -5.35
O2 EDO J . -0.07 15.40 -4.43
H11 EDO J . 0.17 16.30 -7.08
H12 EDO J . -0.39 14.64 -6.84
HO1 EDO J . 1.15 14.81 -8.59
H21 EDO J . 1.68 16.17 -5.23
H22 EDO J . 1.60 14.41 -5.17
HO2 EDO J . 0.28 15.42 -3.53
#